data_8FO7
#
_entry.id   8FO7
#
_cell.length_a   1.00
_cell.length_b   1.00
_cell.length_c   1.00
_cell.angle_alpha   90.00
_cell.angle_beta   90.00
_cell.angle_gamma   90.00
#
_symmetry.space_group_name_H-M   'P 1'
#
loop_
_entity.id
_entity.type
_entity.pdbx_description
1 polymer 'Leucine-rich repeat serine/threonine-protein kinase 2'
2 non-polymer "GUANOSINE-5'-DIPHOSPHATE"
3 non-polymer 2-[(2-methoxy-4-{[4-(4-methylpiperazin-1-yl)piperidin-1-yl]carbonyl}phenyl)amino]-5,11-dimethyl-5,11-dihydro-6H-pyrimido[4,5-b][1,4]benzodiazepin-6-one
#
_entity_poly.entity_id   1
_entity_poly.type   'polypeptide(L)'
_entity_poly.pdbx_seq_one_letter_code
;KKAVPYNRMKLMIVGNTGSGKTTLLQQLMKTKKSDLGMQSATVGIDVKDWPIQIRDKRKRDLVLNVWDFAGREEFYSTHP
HFMTQRALYLAVYDLSKGQAEVDAMKPWLFNIKARASSSPVILVGTHLDVSDEKQRKACMSKITKELLNKRGFPAIRDYH
FVNATEESDALAKLRKTIINESLNFKIRDQLVVGQLIPDCYVELEKIILSERKNVPIEFPVIDRKRLLQLVRENQLQLDE
NELPHAVHFLNESGVLLHFQDPALQLSDLYFVEPKWLCKIMAQILTVKVEGCPKHPKGIISRRDVEKFLSKKRKFPKNYM
TQYFKLLEKFQIALPIGEEYLLVPSSLSDHRPVIELPHCENSEIIIRLYEMPYFPMGFWSRLINRLLEISPYMLSGRERA
LRPNRRYWRQGIYLNWSPEAYCLVGSEVLDNHPESFLKITVPSCRKGCILLGQVVDHIDSLMEEWFPGLLEIDICGEGET
LLKKWALYSFNDGEEHQKILLDDLMKKAEEGDLLVNPDQPRLTIPISQIAPDLILADLPRNIMLNNDELEFEQAPEFLLG
DGSFGSVYRAAYEGEEVAVKIFNKHTSLRLLRQELVVLCHLHHPSLISLLAAGIRPRMLVMELASKGSLDRLLQQDKASL
TRTLQHRIALHVADGLRYLHSAMIIYRDLKPHNVLLFTLYPNAAIIAKIADYGIAQYCCRMGIKTSEGTPGFRAPEVARG
NVIYNQQADVYSFGLLLYDILTTGGRIVEGLKFPNEFDELEIQGKLPDPVKEYGCAPWPMVEKLIKQCLKENPQERPTSA
QVFDILNSAELVCLTRRILLPKNVIVECMVATHHNSRNASIWLGCGHTDRGQLSFLDLNTEGYTSEEVADSRILCLALVH
LPVEKESWIVSGTQSGTLLVINTEDGKKRHTLEKMTDSVTCLYCNSFSKQSKQKNFLLVGTADGKLAIFEDKTVKLKGAA
PLKILNIGNVSTPLMCLSESTNSTERNVMWGGCGTKIFSFSNDFTIQKLIETRTSQLFSYAAFSDSNIITVVVDTALYIA
KQNSPVVEVWDKKTEKLCGLIDCVHFLREVTVKENKESKHKMSYSGRVKTLCLQKNTALWIGTGGGHILLLDLSTRRLIR
VIYNFCNSVRVMMTAQLGSLKNVMLVLGYNRKNTEGTQKQKEIQSCLTVWDINLPHEVQNLEKHIEVRKELAEKMRRTSV
E
;
_entity_poly.pdbx_strand_id   C
#
loop_
_chem_comp.id
_chem_comp.type
_chem_comp.name
_chem_comp.formula
4K4 non-polymer 2-[(2-methoxy-4-{[4-(4-methylpiperazin-1-yl)piperidin-1-yl]carbonyl}phenyl)amino]-5,11-dimethyl-5,11-dihydro-6H-pyrimido[4,5-b][1,4]benzodiazepin-6-one 'C31 H38 N8 O3'
GDP RNA linking GUANOSINE-5'-DIPHOSPHATE 'C10 H15 N5 O11 P2'
#
# COMPACT_ATOMS: atom_id res chain seq x y z
N ALA A 3 -37.46 -12.86 12.27
CA ALA A 3 -38.18 -13.88 13.02
C ALA A 3 -38.82 -13.30 14.27
N VAL A 4 -38.23 -13.57 15.43
CA VAL A 4 -38.74 -13.09 16.71
C VAL A 4 -38.53 -11.58 16.78
N PRO A 5 -39.42 -10.83 17.44
CA PRO A 5 -39.21 -9.39 17.60
C PRO A 5 -37.99 -9.09 18.46
N TYR A 6 -37.35 -7.97 18.16
CA TYR A 6 -36.10 -7.57 18.82
C TYR A 6 -36.35 -6.23 19.49
N ASN A 7 -36.78 -6.27 20.75
CA ASN A 7 -37.17 -5.07 21.49
C ASN A 7 -35.97 -4.48 22.23
N ARG A 8 -34.98 -4.04 21.46
CA ARG A 8 -33.77 -3.43 22.00
C ARG A 8 -33.53 -2.11 21.30
N MET A 9 -33.33 -1.05 22.08
CA MET A 9 -33.07 0.28 21.56
C MET A 9 -32.04 0.96 22.44
N LYS A 10 -31.18 1.76 21.81
CA LYS A 10 -30.13 2.49 22.51
C LYS A 10 -30.62 3.90 22.83
N LEU A 11 -30.46 4.32 24.08
CA LEU A 11 -30.89 5.63 24.54
C LEU A 11 -29.69 6.46 24.95
N MET A 12 -29.67 7.72 24.52
CA MET A 12 -28.59 8.64 24.86
C MET A 12 -29.14 9.83 25.62
N ILE A 13 -28.43 10.23 26.68
CA ILE A 13 -28.78 11.41 27.46
C ILE A 13 -27.60 12.36 27.40
N VAL A 14 -27.82 13.55 26.82
CA VAL A 14 -26.78 14.56 26.68
C VAL A 14 -27.18 15.79 27.48
N GLY A 15 -26.18 16.60 27.79
CA GLY A 15 -26.43 17.84 28.50
C GLY A 15 -25.14 18.47 28.97
N ASN A 16 -25.25 19.73 29.35
CA ASN A 16 -24.12 20.47 29.90
C ASN A 16 -23.88 20.10 31.36
N THR A 17 -22.70 20.44 31.86
CA THR A 17 -22.37 20.13 33.24
C THR A 17 -23.26 20.88 34.22
N GLY A 18 -23.59 20.22 35.33
CA GLY A 18 -24.46 20.81 36.32
C GLY A 18 -25.94 20.77 35.98
N SER A 19 -26.31 20.20 34.84
CA SER A 19 -27.71 20.15 34.45
C SER A 19 -28.47 19.07 35.21
N GLY A 20 -27.83 17.94 35.50
CA GLY A 20 -28.49 16.88 36.24
C GLY A 20 -28.93 15.73 35.38
N LYS A 21 -28.12 15.37 34.38
CA LYS A 21 -28.47 14.25 33.51
C LYS A 21 -28.51 12.94 34.28
N THR A 22 -27.56 12.73 35.20
CA THR A 22 -27.52 11.49 35.96
C THR A 22 -28.69 11.40 36.93
N THR A 23 -28.95 12.47 37.69
CA THR A 23 -30.03 12.44 38.67
C THR A 23 -31.40 12.36 38.00
N LEU A 24 -31.53 12.89 36.79
CA LEU A 24 -32.76 12.69 36.04
C LEU A 24 -32.99 11.22 35.72
N LEU A 25 -31.95 10.53 35.28
CA LEU A 25 -32.07 9.11 34.98
C LEU A 25 -32.37 8.29 36.23
N GLN A 26 -31.81 8.68 37.37
CA GLN A 26 -32.04 7.95 38.62
C GLN A 26 -33.51 7.97 39.00
N GLN A 27 -34.19 9.10 38.81
CA GLN A 27 -35.61 9.17 39.12
C GLN A 27 -36.43 8.28 38.19
N LEU A 28 -36.12 8.29 36.89
CA LEU A 28 -36.84 7.44 35.94
C LEU A 28 -36.63 5.95 36.22
N MET A 29 -35.39 5.55 36.54
CA MET A 29 -35.12 4.14 36.75
C MET A 29 -35.76 3.62 38.04
N LYS A 30 -35.98 4.50 39.01
CA LYS A 30 -36.69 4.12 40.24
C LYS A 30 -38.18 3.97 39.98
N GLN A 39 -23.94 10.43 43.57
CA GLN A 39 -24.02 11.14 42.30
C GLN A 39 -23.17 12.40 42.32
N SER A 40 -21.90 12.25 42.68
CA SER A 40 -20.99 13.39 42.72
C SER A 40 -20.74 13.95 41.33
N ALA A 41 -20.38 13.07 40.39
CA ALA A 41 -20.13 13.48 39.01
C ALA A 41 -20.19 12.23 38.13
N THR A 42 -20.41 12.46 36.84
CA THR A 42 -20.45 11.40 35.83
C THR A 42 -19.17 11.50 35.02
N VAL A 43 -18.12 10.83 35.50
CA VAL A 43 -16.85 10.83 34.79
C VAL A 43 -16.92 9.83 33.65
N GLY A 44 -16.44 10.24 32.48
CA GLY A 44 -16.56 9.40 31.30
C GLY A 44 -18.02 9.25 30.89
N ILE A 45 -18.42 8.03 30.57
CA ILE A 45 -19.78 7.72 30.16
C ILE A 45 -20.27 6.54 30.98
N ASP A 46 -21.46 6.67 31.57
CA ASP A 46 -22.06 5.61 32.36
C ASP A 46 -23.16 4.93 31.57
N VAL A 47 -22.99 3.64 31.30
CA VAL A 47 -23.94 2.85 30.53
C VAL A 47 -24.78 2.03 31.50
N LYS A 48 -26.06 1.85 31.18
CA LYS A 48 -26.99 1.11 32.02
C LYS A 48 -27.92 0.30 31.14
N ASP A 49 -28.81 -0.46 31.78
CA ASP A 49 -29.89 -1.19 31.12
C ASP A 49 -31.21 -0.83 31.79
N TRP A 50 -32.22 -0.57 30.97
CA TRP A 50 -33.51 -0.05 31.46
C TRP A 50 -34.64 -0.94 31.00
N PRO A 51 -34.96 -2.00 31.74
CA PRO A 51 -36.12 -2.84 31.41
C PRO A 51 -37.42 -2.16 31.80
N ILE A 52 -38.17 -1.69 30.81
CA ILE A 52 -39.43 -1.00 31.02
C ILE A 52 -40.54 -1.81 30.36
N GLN A 53 -41.68 -1.90 31.05
CA GLN A 53 -42.82 -2.68 30.58
C GLN A 53 -43.90 -1.74 30.09
N ILE A 54 -44.38 -1.99 28.86
CA ILE A 54 -45.44 -1.19 28.26
C ILE A 54 -46.77 -1.82 28.68
N ARG A 55 -47.44 -1.18 29.63
CA ARG A 55 -48.74 -1.68 30.10
C ARG A 55 -49.78 -1.63 28.99
N ASP A 56 -49.79 -0.54 28.21
CA ASP A 56 -50.74 -0.41 27.11
C ASP A 56 -50.42 -1.42 26.02
N LYS A 57 -51.47 -2.01 25.45
CA LYS A 57 -51.38 -3.01 24.38
C LYS A 57 -50.58 -4.22 24.84
N ARG A 58 -49.98 -4.94 23.90
CA ARG A 58 -49.20 -6.14 24.20
C ARG A 58 -47.79 -6.01 23.65
N LYS A 59 -47.25 -4.79 23.66
CA LYS A 59 -45.89 -4.56 23.20
C LYS A 59 -44.88 -5.24 24.13
N ARG A 60 -43.81 -5.77 23.53
CA ARG A 60 -42.77 -6.43 24.31
C ARG A 60 -42.08 -5.45 25.23
N ASP A 61 -41.62 -5.95 26.37
CA ASP A 61 -40.95 -5.13 27.37
C ASP A 61 -39.68 -4.52 26.81
N LEU A 62 -39.68 -3.21 26.59
CA LEU A 62 -38.51 -2.55 26.04
C LEU A 62 -37.35 -2.54 27.03
N VAL A 63 -36.14 -2.73 26.51
CA VAL A 63 -34.92 -2.58 27.27
C VAL A 63 -34.06 -1.53 26.56
N LEU A 64 -33.64 -0.50 27.31
CA LEU A 64 -32.94 0.64 26.73
C LEU A 64 -31.52 0.69 27.26
N ASN A 65 -30.56 0.64 26.35
CA ASN A 65 -29.17 0.89 26.72
C ASN A 65 -28.97 2.39 26.93
N VAL A 66 -29.12 2.84 28.17
CA VAL A 66 -29.06 4.27 28.46
C VAL A 66 -27.61 4.69 28.64
N TRP A 67 -27.24 5.80 27.99
CA TRP A 67 -25.91 6.38 28.14
C TRP A 67 -26.04 7.72 28.84
N ASP A 68 -25.03 8.07 29.62
CA ASP A 68 -25.08 9.24 30.48
C ASP A 68 -23.99 10.24 30.15
N PHE A 69 -23.86 10.59 28.87
CA PHE A 69 -22.80 11.43 28.32
C PHE A 69 -22.44 12.59 29.25
N ALA A 70 -21.14 12.72 29.51
CA ALA A 70 -20.67 13.71 30.47
C ALA A 70 -20.86 15.13 29.96
N GLY A 71 -21.04 16.06 30.90
CA GLY A 71 -21.27 17.44 30.55
C GLY A 71 -20.07 18.35 30.78
N ARG A 72 -19.05 17.85 31.46
CA ARG A 72 -17.85 18.64 31.71
C ARG A 72 -17.09 18.83 30.40
N GLU A 73 -16.62 20.07 30.18
CA GLU A 73 -16.10 20.48 28.88
C GLU A 73 -14.82 19.75 28.48
N GLU A 74 -14.12 19.12 29.42
CA GLU A 74 -12.87 18.45 29.07
C GLU A 74 -13.13 17.14 28.32
N PHE A 75 -14.26 16.49 28.56
CA PHE A 75 -14.55 15.20 27.93
C PHE A 75 -15.18 15.32 26.55
N TYR A 76 -15.40 16.54 26.04
CA TYR A 76 -16.18 16.75 24.82
C TYR A 76 -15.47 16.28 23.57
N SER A 77 -14.18 15.96 23.63
CA SER A 77 -13.44 15.61 22.43
C SER A 77 -13.75 14.19 21.95
N THR A 78 -14.04 13.26 22.85
CA THR A 78 -14.26 11.86 22.49
C THR A 78 -15.71 11.44 22.55
N HIS A 79 -16.63 12.33 22.96
CA HIS A 79 -18.05 12.01 22.91
C HIS A 79 -18.58 11.72 21.51
N PRO A 80 -18.27 12.49 20.45
CA PRO A 80 -18.93 12.25 19.16
C PRO A 80 -18.69 10.89 18.55
N HIS A 81 -17.58 10.22 18.89
CA HIS A 81 -17.32 8.90 18.34
C HIS A 81 -18.27 7.86 18.90
N PHE A 82 -18.71 8.02 20.15
CA PHE A 82 -19.67 7.14 20.78
C PHE A 82 -21.11 7.61 20.59
N MET A 83 -21.31 8.66 19.80
CA MET A 83 -22.63 9.21 19.52
C MET A 83 -22.99 8.86 18.09
N THR A 84 -23.91 7.91 17.92
CA THR A 84 -24.29 7.40 16.61
C THR A 84 -25.81 7.40 16.48
N GLN A 85 -26.29 6.86 15.36
CA GLN A 85 -27.71 6.79 15.07
C GLN A 85 -28.34 5.68 15.91
N ARG A 86 -29.62 5.39 15.64
CA ARG A 86 -30.43 4.43 16.42
C ARG A 86 -30.45 4.84 17.89
N ALA A 87 -31.01 6.02 18.15
CA ALA A 87 -31.01 6.55 19.50
C ALA A 87 -32.14 7.57 19.63
N LEU A 88 -32.44 7.89 20.90
CA LEU A 88 -33.45 8.88 21.26
C LEU A 88 -32.79 9.82 22.26
N TYR A 89 -32.13 10.86 21.76
CA TYR A 89 -31.35 11.75 22.61
C TYR A 89 -32.26 12.59 23.48
N LEU A 90 -31.94 12.67 24.77
CA LEU A 90 -32.59 13.63 25.65
C LEU A 90 -31.78 14.93 25.63
N ALA A 91 -32.11 15.84 26.53
CA ALA A 91 -31.37 17.09 26.69
C ALA A 91 -31.77 17.70 28.02
N VAL A 92 -30.79 18.04 28.85
CA VAL A 92 -31.04 18.56 30.18
C VAL A 92 -30.40 19.94 30.29
N TYR A 93 -31.20 20.93 30.70
CA TYR A 93 -30.71 22.30 30.88
C TYR A 93 -31.16 22.81 32.24
N ASP A 94 -30.23 23.40 32.98
CA ASP A 94 -30.55 23.96 34.28
C ASP A 94 -31.42 25.21 34.13
N LEU A 95 -32.35 25.39 35.06
CA LEU A 95 -33.25 26.54 35.03
C LEU A 95 -32.87 27.64 36.01
N SER A 96 -32.04 27.33 37.01
CA SER A 96 -31.59 28.37 37.95
C SER A 96 -30.74 29.42 37.26
N LYS A 97 -30.10 29.08 36.13
CA LYS A 97 -29.33 30.09 35.39
C LYS A 97 -30.25 31.11 34.74
N GLY A 98 -31.43 30.68 34.28
CA GLY A 98 -32.37 31.58 33.64
C GLY A 98 -32.67 31.23 32.21
N GLN A 99 -32.44 32.19 31.30
CA GLN A 99 -32.66 31.98 29.88
C GLN A 99 -31.38 31.79 29.09
N ALA A 100 -30.23 32.08 29.69
CA ALA A 100 -28.95 31.88 29.00
C ALA A 100 -28.58 30.42 28.91
N GLU A 101 -29.07 29.60 29.84
CA GLU A 101 -28.76 28.17 29.82
C GLU A 101 -29.31 27.49 28.58
N VAL A 102 -30.53 27.86 28.17
CA VAL A 102 -31.14 27.28 26.97
C VAL A 102 -30.31 27.64 25.74
N ASP A 103 -29.85 28.89 25.65
CA ASP A 103 -28.97 29.29 24.55
C ASP A 103 -27.62 28.59 24.64
N ALA A 104 -27.17 28.27 25.85
CA ALA A 104 -25.89 27.59 26.03
C ALA A 104 -25.92 26.14 25.58
N MET A 105 -27.11 25.56 25.41
CA MET A 105 -27.22 24.18 24.93
C MET A 105 -26.98 24.08 23.43
N LYS A 106 -26.97 25.21 22.71
CA LYS A 106 -26.83 25.21 21.26
C LYS A 106 -25.64 24.42 20.73
N PRO A 107 -24.41 24.50 21.29
CA PRO A 107 -23.35 23.60 20.80
C PRO A 107 -23.70 22.12 20.92
N TRP A 108 -24.41 21.73 21.98
CA TRP A 108 -24.85 20.34 22.10
C TRP A 108 -25.87 19.98 21.04
N LEU A 109 -26.84 20.88 20.76
CA LEU A 109 -27.89 20.57 19.80
C LEU A 109 -27.36 20.48 18.38
N PHE A 110 -26.44 21.37 17.99
CA PHE A 110 -25.89 21.34 16.64
C PHE A 110 -25.15 20.04 16.38
N ASN A 111 -24.37 19.57 17.34
CA ASN A 111 -23.57 18.36 17.14
C ASN A 111 -24.42 17.11 17.05
N ILE A 112 -25.61 17.09 17.67
CA ILE A 112 -26.47 15.92 17.60
C ILE A 112 -26.99 15.71 16.19
N LYS A 113 -27.49 16.77 15.56
CA LYS A 113 -28.02 16.66 14.20
C LYS A 113 -26.92 16.38 13.18
N ALA A 114 -25.71 16.91 13.42
CA ALA A 114 -24.60 16.67 12.51
C ALA A 114 -24.23 15.20 12.45
N ARG A 115 -24.24 14.51 13.60
CA ARG A 115 -23.85 13.11 13.67
C ARG A 115 -25.04 12.15 13.62
N ALA A 116 -26.17 12.52 14.22
CA ALA A 116 -27.37 11.70 14.25
C ALA A 116 -28.50 12.49 13.59
N SER A 117 -28.63 12.33 12.28
CA SER A 117 -29.63 13.09 11.52
C SER A 117 -31.05 12.73 11.94
N SER A 118 -31.34 11.44 12.07
CA SER A 118 -32.68 10.96 12.42
C SER A 118 -32.69 10.57 13.88
N SER A 119 -33.02 11.53 14.74
CA SER A 119 -33.05 11.28 16.19
C SER A 119 -34.03 12.23 16.89
N PRO A 120 -35.05 11.68 17.52
CA PRO A 120 -36.05 12.52 18.19
C PRO A 120 -35.54 13.13 19.49
N VAL A 121 -34.89 14.29 19.42
CA VAL A 121 -34.38 14.93 20.62
C VAL A 121 -35.53 15.48 21.45
N ILE A 122 -35.52 15.17 22.75
CA ILE A 122 -36.44 15.73 23.72
C ILE A 122 -35.66 16.62 24.68
N LEU A 123 -36.04 17.89 24.77
CA LEU A 123 -35.45 18.79 25.75
C LEU A 123 -36.21 18.66 27.07
N VAL A 124 -35.46 18.49 28.16
CA VAL A 124 -36.01 18.26 29.49
C VAL A 124 -35.40 19.27 30.44
N GLY A 125 -36.24 20.06 31.10
CA GLY A 125 -35.76 20.99 32.10
C GLY A 125 -35.49 20.34 33.44
N THR A 126 -35.14 21.17 34.41
CA THR A 126 -34.87 20.72 35.76
C THR A 126 -34.94 21.92 36.69
N HIS A 127 -34.83 21.65 37.99
CA HIS A 127 -34.79 22.67 39.05
C HIS A 127 -36.02 23.58 39.01
N LEU A 128 -37.21 22.97 38.94
CA LEU A 128 -38.43 23.76 39.02
C LEU A 128 -38.71 24.28 40.42
N ASP A 129 -38.04 23.76 41.44
CA ASP A 129 -38.30 24.17 42.81
C ASP A 129 -37.92 25.63 43.05
N VAL A 130 -36.78 26.07 42.51
CA VAL A 130 -36.24 27.39 42.82
C VAL A 130 -36.01 28.21 41.55
N SER A 131 -36.73 27.92 40.47
CA SER A 131 -36.55 28.66 39.23
C SER A 131 -37.91 28.91 38.58
N ASP A 132 -37.95 29.95 37.75
CA ASP A 132 -39.15 30.34 37.03
C ASP A 132 -39.23 29.59 35.69
N GLU A 133 -40.42 29.67 35.07
CA GLU A 133 -40.69 28.98 33.82
C GLU A 133 -41.06 29.90 32.67
N LYS A 134 -41.69 31.06 32.94
CA LYS A 134 -42.16 31.93 31.88
C LYS A 134 -41.01 32.48 31.05
N GLN A 135 -39.92 32.89 31.71
CA GLN A 135 -38.77 33.42 30.98
C GLN A 135 -38.11 32.33 30.12
N ARG A 136 -37.99 31.12 30.66
CA ARG A 136 -37.40 30.02 29.92
C ARG A 136 -38.23 29.63 28.70
N LYS A 137 -39.56 29.61 28.87
CA LYS A 137 -40.44 29.21 27.77
C LYS A 137 -40.37 30.19 26.60
N ALA A 138 -40.14 31.48 26.88
CA ALA A 138 -39.99 32.46 25.81
C ALA A 138 -38.76 32.15 24.96
N CYS A 139 -37.63 31.82 25.59
CA CYS A 139 -36.42 31.50 24.84
C CYS A 139 -36.53 30.12 24.19
N MET A 140 -37.11 29.15 24.89
CA MET A 140 -37.23 27.80 24.36
C MET A 140 -38.10 27.76 23.11
N SER A 141 -39.22 28.48 23.12
CA SER A 141 -40.10 28.52 21.96
C SER A 141 -39.46 29.24 20.77
N LYS A 142 -38.62 30.24 21.05
CA LYS A 142 -37.98 30.98 19.97
C LYS A 142 -36.97 30.13 19.21
N ILE A 143 -36.14 29.36 19.93
CA ILE A 143 -35.09 28.60 19.27
C ILE A 143 -35.68 27.44 18.46
N THR A 144 -36.73 26.78 18.98
CA THR A 144 -37.33 25.67 18.23
C THR A 144 -38.07 26.17 17.00
N LYS A 145 -38.65 27.37 17.05
CA LYS A 145 -39.22 27.98 15.85
C LYS A 145 -38.13 28.37 14.86
N GLU A 146 -36.96 28.76 15.36
CA GLU A 146 -35.78 29.02 14.55
C GLU A 146 -34.99 27.76 14.23
N LEU A 147 -35.43 26.61 14.73
CA LEU A 147 -34.78 25.33 14.47
C LEU A 147 -35.37 24.60 13.26
N LEU A 148 -36.69 24.69 13.06
CA LEU A 148 -37.31 24.11 11.88
C LEU A 148 -36.89 24.77 10.58
N ASN A 149 -36.29 25.97 10.64
CA ASN A 149 -35.79 26.67 9.47
C ASN A 149 -34.31 26.98 9.62
N LYS A 150 -33.55 26.04 10.19
CA LYS A 150 -32.12 26.20 10.40
C LYS A 150 -31.26 25.17 9.69
N ARG A 151 -31.81 23.99 9.40
CA ARG A 151 -31.14 22.88 8.74
C ARG A 151 -29.93 22.35 9.51
N GLY A 152 -29.75 22.77 10.76
CA GLY A 152 -28.64 22.31 11.57
C GLY A 152 -29.06 21.76 12.92
N PHE A 153 -30.31 22.02 13.31
CA PHE A 153 -30.86 21.52 14.55
C PHE A 153 -31.45 20.13 14.36
N PRO A 154 -31.56 19.34 15.43
CA PRO A 154 -32.21 18.03 15.32
C PRO A 154 -33.73 18.18 15.33
N ALA A 155 -34.40 17.07 15.01
CA ALA A 155 -35.86 17.05 14.94
C ALA A 155 -36.43 17.08 16.35
N ILE A 156 -36.51 18.28 16.91
CA ILE A 156 -37.07 18.50 18.24
C ILE A 156 -38.57 18.28 18.17
N ARG A 157 -39.05 17.19 18.77
CA ARG A 157 -40.47 16.85 18.72
C ARG A 157 -41.08 16.66 20.11
N ASP A 158 -40.52 17.34 21.12
CA ASP A 158 -41.06 17.34 22.47
C ASP A 158 -40.35 18.41 23.28
N TYR A 159 -40.88 18.67 24.48
CA TYR A 159 -40.32 19.61 25.44
C TYR A 159 -40.99 19.38 26.78
N HIS A 160 -40.24 19.51 27.86
CA HIS A 160 -40.76 19.20 29.19
C HIS A 160 -40.09 20.06 30.24
N PHE A 161 -40.74 20.16 31.40
CA PHE A 161 -40.18 20.77 32.59
C PHE A 161 -40.36 19.79 33.74
N VAL A 162 -39.26 19.44 34.40
CA VAL A 162 -39.24 18.36 35.38
C VAL A 162 -38.75 18.90 36.72
N ASN A 163 -39.40 18.46 37.79
CA ASN A 163 -39.08 18.89 39.15
C ASN A 163 -37.84 18.17 39.68
N ALA A 164 -37.63 18.24 41.00
CA ALA A 164 -36.42 17.73 41.63
C ALA A 164 -36.47 16.21 41.69
N THR A 165 -35.51 15.61 42.43
CA THR A 165 -35.36 14.16 42.49
C THR A 165 -36.59 13.45 43.05
N GLU A 166 -37.44 14.16 43.79
CA GLU A 166 -38.66 13.55 44.32
C GLU A 166 -39.59 13.15 43.17
N GLU A 167 -40.23 11.99 43.33
CA GLU A 167 -41.12 11.46 42.30
C GLU A 167 -42.39 12.28 42.29
N SER A 168 -42.50 13.20 41.33
CA SER A 168 -43.66 14.06 41.16
C SER A 168 -44.47 13.60 39.93
N ASP A 169 -45.53 14.35 39.64
CA ASP A 169 -46.38 14.01 38.51
C ASP A 169 -45.73 14.36 37.18
N ALA A 170 -44.81 15.32 37.16
CA ALA A 170 -44.19 15.76 35.92
C ALA A 170 -43.38 14.64 35.27
N LEU A 171 -42.61 13.90 36.09
CA LEU A 171 -41.79 12.81 35.55
C LEU A 171 -42.64 11.66 35.02
N ALA A 172 -43.85 11.49 35.56
CA ALA A 172 -44.77 10.49 35.03
C ALA A 172 -45.14 10.79 33.58
N LYS A 173 -45.40 12.07 33.27
CA LYS A 173 -45.61 12.46 31.90
C LYS A 173 -44.34 12.30 31.07
N LEU A 174 -43.18 12.61 31.66
CA LEU A 174 -41.92 12.47 30.93
C LEU A 174 -41.64 11.02 30.56
N ARG A 175 -41.83 10.10 31.51
CA ARG A 175 -41.61 8.68 31.22
C ARG A 175 -42.59 8.18 30.17
N LYS A 176 -43.86 8.61 30.27
CA LYS A 176 -44.85 8.21 29.27
C LYS A 176 -44.50 8.75 27.89
N THR A 177 -43.83 9.92 27.83
CA THR A 177 -43.39 10.46 26.55
C THR A 177 -42.30 9.60 25.92
N ILE A 178 -41.31 9.19 26.72
CA ILE A 178 -40.16 8.46 26.18
C ILE A 178 -40.58 7.13 25.59
N ILE A 179 -41.44 6.38 26.30
CA ILE A 179 -41.92 5.11 25.77
C ILE A 179 -42.77 5.31 24.52
N ASN A 180 -43.60 6.36 24.50
CA ASN A 180 -44.38 6.67 23.31
C ASN A 180 -43.48 7.09 22.16
N GLU A 181 -42.46 7.90 22.42
CA GLU A 181 -41.56 8.35 21.36
C GLU A 181 -40.73 7.21 20.81
N SER A 182 -40.30 6.27 21.66
CA SER A 182 -39.49 5.15 21.19
C SER A 182 -40.27 4.24 20.25
N LEU A 183 -41.53 3.94 20.59
CA LEU A 183 -42.36 3.16 19.68
C LEU A 183 -42.70 3.94 18.41
N ASN A 184 -42.82 5.26 18.52
CA ASN A 184 -43.06 6.09 17.34
C ASN A 184 -41.79 6.38 16.55
N PHE A 185 -40.62 5.99 17.05
CA PHE A 185 -39.38 6.17 16.31
C PHE A 185 -39.36 5.27 15.09
N LYS A 186 -39.02 5.84 13.94
CA LYS A 186 -38.98 5.10 12.69
C LYS A 186 -37.73 5.47 11.91
N ILE A 187 -36.97 4.46 11.49
CA ILE A 187 -35.78 4.64 10.68
C ILE A 187 -35.95 3.85 9.39
N ARG A 188 -35.73 4.51 8.26
CA ARG A 188 -35.92 3.91 6.93
C ARG A 188 -37.34 3.36 6.76
N ASP A 189 -38.32 4.11 7.27
CA ASP A 189 -39.75 3.79 7.19
C ASP A 189 -40.10 2.47 7.88
N GLN A 190 -39.23 1.98 8.77
CA GLN A 190 -39.47 0.76 9.52
C GLN A 190 -39.29 1.02 11.00
N LEU A 191 -40.17 0.44 11.80
CA LEU A 191 -40.11 0.62 13.25
C LEU A 191 -38.84 -0.03 13.81
N VAL A 192 -38.07 0.74 14.57
CA VAL A 192 -36.84 0.23 15.15
C VAL A 192 -37.15 -0.73 16.30
N VAL A 193 -38.04 -0.33 17.20
CA VAL A 193 -38.40 -1.16 18.34
C VAL A 193 -39.33 -2.27 17.88
N GLY A 194 -38.94 -3.52 18.18
CA GLY A 194 -39.74 -4.66 17.75
C GLY A 194 -39.56 -5.05 16.30
N GLN A 195 -38.51 -4.59 15.64
CA GLN A 195 -38.29 -4.91 14.24
C GLN A 195 -37.98 -6.40 14.06
N LEU A 196 -38.43 -6.94 12.93
CA LEU A 196 -38.14 -8.32 12.59
C LEU A 196 -36.64 -8.51 12.39
N ILE A 197 -36.12 -9.65 12.82
CA ILE A 197 -34.69 -9.89 12.76
C ILE A 197 -34.48 -11.40 12.63
N PRO A 198 -33.51 -11.87 11.85
CA PRO A 198 -33.23 -13.32 11.81
C PRO A 198 -32.83 -13.85 13.18
N ASP A 199 -33.25 -15.09 13.45
CA ASP A 199 -32.96 -15.71 14.74
C ASP A 199 -31.47 -15.97 14.96
N CYS A 200 -30.68 -16.03 13.89
CA CYS A 200 -29.25 -16.23 14.03
C CYS A 200 -28.59 -15.06 14.76
N TYR A 201 -29.02 -13.83 14.45
CA TYR A 201 -28.43 -12.65 15.07
C TYR A 201 -28.71 -12.59 16.56
N VAL A 202 -29.93 -12.99 16.96
CA VAL A 202 -30.27 -13.05 18.37
C VAL A 202 -29.42 -14.09 19.10
N GLU A 203 -29.15 -15.22 18.44
CA GLU A 203 -28.29 -16.24 19.02
C GLU A 203 -26.88 -15.71 19.25
N LEU A 204 -26.35 -14.94 18.30
CA LEU A 204 -25.02 -14.35 18.46
C LEU A 204 -24.99 -13.36 19.62
N GLU A 205 -26.11 -12.70 19.90
CA GLU A 205 -26.16 -11.80 21.05
C GLU A 205 -26.02 -12.57 22.36
N LYS A 206 -26.60 -13.77 22.44
CA LYS A 206 -26.57 -14.55 23.67
C LYS A 206 -25.16 -14.98 24.04
N ILE A 207 -24.37 -15.44 23.07
CA ILE A 207 -23.01 -15.89 23.38
C ILE A 207 -22.12 -14.71 23.79
N ILE A 208 -22.33 -13.53 23.20
CA ILE A 208 -21.54 -12.35 23.55
C ILE A 208 -21.80 -11.96 25.00
N LEU A 209 -23.06 -11.99 25.43
CA LEU A 209 -23.38 -11.69 26.82
C LEU A 209 -22.76 -12.70 27.77
N SER A 210 -22.79 -13.97 27.39
CA SER A 210 -22.18 -15.01 28.22
C SER A 210 -20.67 -14.84 28.32
N GLU A 211 -20.01 -14.52 27.20
CA GLU A 211 -18.58 -14.31 27.20
C GLU A 211 -18.16 -13.02 27.89
N ARG A 212 -19.08 -12.05 27.99
CA ARG A 212 -18.77 -10.80 28.65
C ARG A 212 -18.49 -11.00 30.14
N LYS A 213 -19.09 -12.02 30.75
CA LYS A 213 -18.93 -12.25 32.18
C LYS A 213 -17.58 -12.83 32.55
N ASN A 214 -16.89 -13.51 31.63
CA ASN A 214 -15.61 -14.14 31.94
C ASN A 214 -14.46 -13.60 31.10
N VAL A 215 -14.68 -12.53 30.34
CA VAL A 215 -13.62 -11.86 29.59
C VAL A 215 -12.71 -11.18 30.61
N PRO A 216 -11.40 -11.11 30.38
CA PRO A 216 -10.53 -10.39 31.33
C PRO A 216 -10.92 -8.92 31.46
N ILE A 217 -10.83 -8.41 32.69
CA ILE A 217 -11.26 -7.04 32.97
C ILE A 217 -10.18 -6.02 32.66
N GLU A 218 -8.92 -6.43 32.55
CA GLU A 218 -7.85 -5.48 32.25
C GLU A 218 -7.92 -4.98 30.81
N PHE A 219 -8.42 -5.81 29.89
CA PHE A 219 -8.53 -5.42 28.50
C PHE A 219 -9.56 -6.31 27.80
N PRO A 220 -10.85 -6.04 27.97
CA PRO A 220 -11.88 -6.93 27.41
C PRO A 220 -12.01 -6.83 25.90
N VAL A 221 -11.54 -7.85 25.19
CA VAL A 221 -11.64 -7.89 23.73
C VAL A 221 -11.39 -9.32 23.29
N ILE A 222 -11.93 -9.69 22.14
CA ILE A 222 -11.66 -10.99 21.51
C ILE A 222 -11.28 -10.75 20.05
N ASP A 223 -10.23 -11.44 19.61
CA ASP A 223 -9.78 -11.33 18.24
C ASP A 223 -10.72 -12.04 17.29
N ARG A 224 -10.40 -11.99 15.99
CA ARG A 224 -11.21 -12.69 15.00
C ARG A 224 -11.11 -14.20 15.18
N LYS A 225 -9.97 -14.70 15.65
CA LYS A 225 -9.79 -16.13 15.87
C LYS A 225 -10.74 -16.65 16.94
N ARG A 226 -10.87 -15.91 18.04
CA ARG A 226 -11.75 -16.34 19.13
C ARG A 226 -13.21 -16.38 18.68
N LEU A 227 -13.65 -15.36 17.94
CA LEU A 227 -15.02 -15.36 17.43
C LEU A 227 -15.24 -16.47 16.40
N LEU A 228 -14.24 -16.71 15.55
CA LEU A 228 -14.34 -17.79 14.57
C LEU A 228 -14.44 -19.15 15.24
N GLN A 229 -13.64 -19.38 16.28
CA GLN A 229 -13.69 -20.65 16.99
C GLN A 229 -15.02 -20.85 17.70
N LEU A 230 -15.57 -19.79 18.30
CA LEU A 230 -16.83 -19.90 19.03
C LEU A 230 -17.99 -20.19 18.09
N VAL A 231 -18.08 -19.45 16.98
CA VAL A 231 -19.19 -19.63 16.06
C VAL A 231 -19.11 -20.98 15.35
N ARG A 232 -17.89 -21.50 15.13
CA ARG A 232 -17.74 -22.78 14.47
C ARG A 232 -18.29 -23.94 15.31
N GLU A 233 -18.02 -23.93 16.62
CA GLU A 233 -18.48 -25.00 17.49
C GLU A 233 -19.94 -24.87 17.88
N ASN A 234 -20.57 -23.71 17.64
CA ASN A 234 -22.00 -23.54 17.87
C ASN A 234 -22.81 -23.76 16.60
N GLN A 235 -22.48 -23.04 15.53
CA GLN A 235 -23.17 -23.10 14.24
C GLN A 235 -24.67 -22.85 14.38
N LEU A 236 -25.00 -21.68 14.94
CA LEU A 236 -26.38 -21.30 15.18
C LEU A 236 -27.00 -20.67 13.92
N GLN A 237 -27.11 -21.51 12.89
CA GLN A 237 -27.67 -21.12 11.58
C GLN A 237 -26.96 -19.90 11.00
N LEU A 238 -25.63 -19.91 11.09
CA LEU A 238 -24.80 -18.82 10.60
C LEU A 238 -24.03 -19.25 9.36
N ASP A 239 -23.32 -18.28 8.78
CA ASP A 239 -22.50 -18.51 7.59
C ASP A 239 -21.21 -17.71 7.73
N GLU A 240 -20.40 -17.76 6.68
CA GLU A 240 -19.13 -17.03 6.66
C GLU A 240 -19.28 -15.61 6.14
N ASN A 241 -20.28 -15.36 5.29
CA ASN A 241 -20.52 -14.03 4.73
C ASN A 241 -21.60 -13.26 5.48
N GLU A 242 -22.46 -13.95 6.23
CA GLU A 242 -23.50 -13.27 7.00
C GLU A 242 -22.99 -12.72 8.32
N LEU A 243 -21.79 -13.13 8.75
CA LEU A 243 -21.23 -12.64 10.01
C LEU A 243 -21.01 -11.12 10.03
N PRO A 244 -20.41 -10.48 8.99
CA PRO A 244 -20.28 -9.02 9.06
C PRO A 244 -21.61 -8.28 9.17
N HIS A 245 -22.67 -8.80 8.57
CA HIS A 245 -24.00 -8.22 8.74
C HIS A 245 -24.44 -8.36 10.18
N ALA A 246 -24.20 -9.52 10.80
CA ALA A 246 -24.55 -9.73 12.20
C ALA A 246 -23.76 -8.80 13.11
N VAL A 247 -22.45 -8.67 12.85
CA VAL A 247 -21.59 -7.82 13.69
C VAL A 247 -22.03 -6.36 13.60
N HIS A 248 -22.32 -5.89 12.39
CA HIS A 248 -22.74 -4.50 12.22
C HIS A 248 -24.07 -4.22 12.91
N PHE A 249 -25.01 -5.17 12.83
CA PHE A 249 -26.29 -4.99 13.51
C PHE A 249 -26.10 -4.91 15.03
N LEU A 250 -25.25 -5.78 15.58
CA LEU A 250 -24.96 -5.73 17.01
C LEU A 250 -24.24 -4.43 17.39
N ASN A 251 -23.44 -3.88 16.46
CA ASN A 251 -22.78 -2.61 16.71
C ASN A 251 -23.80 -1.48 16.88
N GLU A 252 -24.84 -1.47 16.05
CA GLU A 252 -25.87 -0.45 16.15
C GLU A 252 -26.63 -0.56 17.47
N SER A 253 -26.95 -1.78 17.89
CA SER A 253 -27.69 -1.97 19.13
C SER A 253 -26.90 -1.50 20.35
N GLY A 254 -25.62 -1.82 20.40
CA GLY A 254 -24.76 -1.39 21.47
C GLY A 254 -24.24 -2.47 22.41
N VAL A 255 -24.21 -3.73 21.97
CA VAL A 255 -23.70 -4.84 22.79
C VAL A 255 -22.39 -5.37 22.28
N LEU A 256 -21.88 -4.88 21.16
CA LEU A 256 -20.62 -5.35 20.61
C LEU A 256 -20.07 -4.23 19.73
N LEU A 257 -19.01 -3.57 20.19
CA LEU A 257 -18.42 -2.46 19.44
C LEU A 257 -17.30 -2.99 18.57
N HIS A 258 -17.45 -2.84 17.25
CA HIS A 258 -16.45 -3.28 16.28
C HIS A 258 -16.08 -2.11 15.39
N PHE A 259 -14.78 -1.87 15.24
CA PHE A 259 -14.27 -0.78 14.41
C PHE A 259 -13.63 -1.41 13.18
N GLN A 260 -14.34 -1.35 12.05
CA GLN A 260 -13.87 -1.92 10.80
C GLN A 260 -13.15 -0.91 9.91
N ASP A 261 -12.86 0.28 10.44
CA ASP A 261 -12.21 1.32 9.66
C ASP A 261 -10.79 0.91 9.33
N PRO A 262 -10.41 0.86 8.03
CA PRO A 262 -9.03 0.49 7.69
C PRO A 262 -7.96 1.42 8.27
N ALA A 263 -8.28 2.71 8.42
CA ALA A 263 -7.31 3.65 8.99
C ALA A 263 -7.01 3.32 10.44
N LEU A 264 -8.02 2.88 11.20
CA LEU A 264 -7.83 2.55 12.60
C LEU A 264 -7.08 1.24 12.81
N GLN A 265 -7.13 0.33 11.83
CA GLN A 265 -6.48 -0.99 11.90
C GLN A 265 -6.97 -1.78 13.11
N LEU A 266 -8.26 -1.70 13.39
CA LEU A 266 -8.88 -2.40 14.52
C LEU A 266 -9.92 -3.42 14.07
N SER A 267 -9.83 -3.90 12.82
CA SER A 267 -10.84 -4.80 12.29
C SER A 267 -10.86 -6.14 13.03
N ASP A 268 -9.69 -6.67 13.36
CA ASP A 268 -9.60 -7.99 14.00
C ASP A 268 -10.24 -7.98 15.38
N LEU A 269 -10.02 -6.92 16.16
CA LEU A 269 -10.51 -6.87 17.52
C LEU A 269 -12.03 -6.69 17.56
N TYR A 270 -12.68 -7.41 18.47
CA TYR A 270 -14.11 -7.29 18.73
C TYR A 270 -14.31 -6.96 20.21
N PHE A 271 -14.70 -5.72 20.48
CA PHE A 271 -14.95 -5.30 21.86
C PHE A 271 -16.29 -5.86 22.34
N VAL A 272 -16.25 -6.56 23.48
CA VAL A 272 -17.45 -7.13 24.08
C VAL A 272 -17.83 -6.39 25.37
N GLU A 273 -17.30 -5.19 25.56
CA GLU A 273 -17.59 -4.40 26.76
C GLU A 273 -17.62 -2.93 26.39
N PRO A 274 -18.79 -2.43 25.97
CA PRO A 274 -18.90 -0.99 25.63
C PRO A 274 -18.59 -0.07 26.79
N LYS A 275 -18.90 -0.48 28.03
CA LYS A 275 -18.64 0.37 29.19
C LYS A 275 -17.15 0.56 29.45
N TRP A 276 -16.35 -0.46 29.14
CA TRP A 276 -14.91 -0.35 29.36
C TRP A 276 -14.29 0.67 28.41
N LEU A 277 -14.74 0.71 27.16
CA LEU A 277 -14.12 1.57 26.16
C LEU A 277 -14.28 3.05 26.48
N CYS A 278 -15.38 3.45 27.11
CA CYS A 278 -15.59 4.84 27.45
C CYS A 278 -14.95 5.24 28.77
N LYS A 279 -14.39 4.28 29.52
CA LYS A 279 -13.73 4.58 30.78
C LYS A 279 -12.23 4.81 30.63
N ILE A 280 -11.63 4.34 29.54
CA ILE A 280 -10.18 4.48 29.37
C ILE A 280 -9.79 5.95 29.21
N MET A 281 -10.64 6.76 28.58
CA MET A 281 -10.34 8.17 28.41
C MET A 281 -10.36 8.90 29.75
N ALA A 282 -11.20 8.47 30.68
CA ALA A 282 -11.22 9.07 32.01
C ALA A 282 -9.91 8.81 32.76
N GLN A 283 -9.36 7.60 32.62
CA GLN A 283 -8.12 7.26 33.31
C GLN A 283 -6.95 8.08 32.81
N ILE A 284 -6.86 8.31 31.49
CA ILE A 284 -5.74 9.05 30.92
C ILE A 284 -5.76 10.50 31.40
N LEU A 285 -6.95 11.10 31.48
CA LEU A 285 -7.05 12.51 31.86
C LEU A 285 -6.64 12.74 33.31
N THR A 286 -7.11 11.89 34.22
CA THR A 286 -6.98 12.13 35.66
C THR A 286 -5.82 11.35 36.27
N VAL A 287 -4.74 11.19 35.50
CA VAL A 287 -3.53 10.55 36.02
C VAL A 287 -2.30 11.37 35.60
N LYS A 297 -1.54 23.69 31.96
CA LYS A 297 -0.77 22.46 32.09
C LYS A 297 0.67 22.77 31.65
N GLY A 298 0.89 22.84 30.34
CA GLY A 298 2.18 23.24 29.79
C GLY A 298 3.34 22.28 29.97
N ILE A 299 3.31 21.48 31.03
CA ILE A 299 4.41 20.59 31.39
C ILE A 299 3.85 19.19 31.61
N ILE A 300 4.49 18.19 31.02
CA ILE A 300 4.12 16.79 31.20
C ILE A 300 5.34 16.02 31.69
N SER A 301 5.08 14.89 32.35
CA SER A 301 6.13 14.05 32.91
C SER A 301 5.94 12.62 32.42
N ARG A 302 6.97 11.81 32.63
CA ARG A 302 6.96 10.40 32.24
C ARG A 302 6.16 9.52 33.20
N ARG A 303 5.44 10.12 34.15
CA ARG A 303 4.65 9.33 35.09
C ARG A 303 3.52 8.58 34.39
N ASP A 304 2.90 9.21 33.39
CA ASP A 304 1.77 8.59 32.70
C ASP A 304 2.19 7.32 31.96
N VAL A 305 3.26 7.39 31.17
CA VAL A 305 3.70 6.21 30.43
C VAL A 305 4.30 5.14 31.33
N GLU A 306 4.57 5.47 32.60
CA GLU A 306 5.21 4.53 33.53
C GLU A 306 4.19 3.84 34.44
N LYS A 307 3.39 4.61 35.18
CA LYS A 307 2.53 4.06 36.21
C LYS A 307 1.13 4.67 36.14
N PHE A 308 0.54 4.68 34.94
CA PHE A 308 -0.83 5.18 34.79
C PHE A 308 -1.84 4.30 35.51
N LEU A 309 -1.57 3.00 35.60
CA LEU A 309 -2.49 2.07 36.24
C LEU A 309 -1.70 0.85 36.70
N SER A 310 -2.34 0.04 37.55
CA SER A 310 -1.71 -1.16 38.08
C SER A 310 -1.55 -2.27 37.07
N LYS A 311 -2.20 -2.16 35.90
CA LYS A 311 -2.11 -3.19 34.88
C LYS A 311 -0.88 -3.06 33.99
N LYS A 312 -0.06 -2.01 34.19
CA LYS A 312 1.16 -1.85 33.41
C LYS A 312 2.22 -2.82 33.94
N ARG A 313 2.62 -3.76 33.10
CA ARG A 313 3.64 -4.74 33.44
C ARG A 313 4.37 -5.14 32.16
N LYS A 314 5.11 -6.25 32.21
CA LYS A 314 5.84 -6.70 31.04
C LYS A 314 4.91 -7.38 30.03
N PHE A 315 4.25 -8.47 30.45
CA PHE A 315 3.36 -9.22 29.57
C PHE A 315 1.96 -8.59 29.45
N PRO A 316 1.30 -8.15 30.53
CA PRO A 316 -0.02 -7.52 30.35
C PRO A 316 0.00 -6.24 29.52
N LYS A 317 1.17 -5.63 29.31
CA LYS A 317 1.27 -4.39 28.55
C LYS A 317 2.16 -4.55 27.32
N ASN A 318 2.18 -5.74 26.71
CA ASN A 318 2.95 -5.96 25.50
C ASN A 318 2.07 -6.26 24.29
N TYR A 319 1.22 -7.27 24.37
CA TYR A 319 0.36 -7.62 23.23
C TYR A 319 -0.82 -6.67 23.09
N MET A 320 -1.47 -6.34 24.21
CA MET A 320 -2.65 -5.48 24.16
C MET A 320 -2.29 -4.04 23.84
N THR A 321 -1.14 -3.55 24.33
CA THR A 321 -0.76 -2.16 24.09
C THR A 321 -0.52 -1.89 22.61
N GLN A 322 0.06 -2.86 21.89
CA GLN A 322 0.25 -2.69 20.44
C GLN A 322 -1.07 -2.66 19.68
N TYR A 323 -2.13 -3.23 20.26
CA TYR A 323 -3.43 -3.27 19.59
C TYR A 323 -4.14 -1.91 19.60
N PHE A 324 -4.09 -1.20 20.73
CA PHE A 324 -4.81 0.05 20.88
C PHE A 324 -3.84 1.22 21.00
N LYS A 325 -4.22 2.36 20.41
CA LYS A 325 -3.38 3.55 20.42
C LYS A 325 -3.96 4.67 21.25
N LEU A 326 -5.23 5.02 21.04
CA LEU A 326 -5.86 6.11 21.75
C LEU A 326 -6.22 5.70 23.17
N ILE A 332 -3.42 12.43 21.32
CA ILE A 332 -2.50 12.78 20.26
C ILE A 332 -1.08 12.97 20.80
N ALA A 333 -0.37 11.86 20.95
CA ALA A 333 0.98 11.87 21.53
C ALA A 333 1.96 11.29 20.51
N LEU A 334 2.48 12.15 19.65
CA LEU A 334 3.53 11.72 18.74
C LEU A 334 4.80 11.43 19.54
N PRO A 335 5.56 10.38 19.19
CA PRO A 335 6.73 10.01 20.00
C PRO A 335 7.74 11.12 20.12
N ILE A 336 8.30 11.26 21.33
CA ILE A 336 9.24 12.34 21.63
C ILE A 336 10.45 11.78 22.36
N TYR A 340 6.41 12.73 26.58
CA TYR A 340 6.04 11.92 25.43
C TYR A 340 4.53 11.68 25.40
N LEU A 341 3.78 12.59 26.01
CA LEU A 341 2.32 12.49 26.06
C LEU A 341 1.74 13.89 26.12
N LEU A 342 0.79 14.17 25.22
CA LEU A 342 0.07 15.45 25.24
C LEU A 342 -1.34 15.18 24.72
N VAL A 343 -2.26 14.94 25.65
CA VAL A 343 -3.65 14.62 25.33
C VAL A 343 -4.42 15.92 25.11
N PRO A 344 -5.42 15.94 24.23
CA PRO A 344 -6.13 17.20 23.94
C PRO A 344 -6.95 17.72 25.11
N SER A 345 -7.32 16.87 26.06
CA SER A 345 -8.26 17.25 27.12
C SER A 345 -7.58 17.78 28.37
N SER A 346 -6.25 17.77 28.43
CA SER A 346 -5.53 18.26 29.61
C SER A 346 -4.96 19.66 29.41
N LEU A 347 -5.24 20.30 28.28
CA LEU A 347 -4.68 21.62 28.01
C LEU A 347 -5.35 22.68 28.87
N SER A 348 -4.69 23.83 28.97
CA SER A 348 -5.18 24.92 29.80
C SER A 348 -6.50 25.46 29.27
N ASP A 349 -7.43 25.73 30.20
CA ASP A 349 -8.76 26.19 29.81
C ASP A 349 -8.72 27.58 29.18
N HIS A 350 -7.90 28.49 29.72
CA HIS A 350 -7.87 29.87 29.28
C HIS A 350 -6.61 30.15 28.47
N ARG A 351 -6.66 31.24 27.72
CA ARG A 351 -5.55 31.62 26.85
C ARG A 351 -4.37 32.09 27.69
N PRO A 352 -3.17 31.56 27.47
CA PRO A 352 -2.00 32.05 28.21
C PRO A 352 -1.61 33.45 27.76
N VAL A 353 -0.91 34.15 28.66
CA VAL A 353 -0.44 35.49 28.35
C VAL A 353 0.60 35.42 27.24
N ILE A 354 0.43 36.26 26.22
CA ILE A 354 1.34 36.31 25.08
C ILE A 354 1.42 37.74 24.58
N GLU A 355 2.55 38.08 23.98
CA GLU A 355 2.78 39.43 23.46
C GLU A 355 3.33 39.32 22.04
N LEU A 356 2.57 39.85 21.08
CA LEU A 356 3.03 39.87 19.70
C LEU A 356 4.17 40.87 19.53
N PRO A 357 5.09 40.61 18.59
CA PRO A 357 6.19 41.57 18.36
C PRO A 357 5.72 42.95 17.96
N HIS A 358 4.63 43.03 17.18
CA HIS A 358 4.04 44.31 16.80
C HIS A 358 2.53 44.16 16.77
N CYS A 359 1.84 45.29 16.94
CA CYS A 359 0.38 45.32 16.91
C CYS A 359 -0.15 46.33 15.90
N GLU A 360 0.71 46.85 15.02
CA GLU A 360 0.27 47.81 14.01
C GLU A 360 -0.74 47.18 13.06
N ASN A 361 -1.79 47.95 12.74
CA ASN A 361 -2.85 47.45 11.87
C ASN A 361 -2.38 47.17 10.45
N SER A 362 -1.25 47.75 10.04
CA SER A 362 -0.73 47.59 8.69
C SER A 362 0.47 46.65 8.64
N GLU A 363 0.68 45.85 9.69
CA GLU A 363 1.82 44.94 9.73
C GLU A 363 1.43 43.49 9.99
N ILE A 364 0.14 43.18 10.15
CA ILE A 364 -0.32 41.82 10.38
C ILE A 364 -1.49 41.53 9.46
N ILE A 365 -1.78 40.24 9.31
CA ILE A 365 -2.87 39.77 8.45
C ILE A 365 -3.81 38.92 9.30
N ILE A 366 -5.12 39.17 9.18
CA ILE A 366 -6.13 38.47 9.95
C ILE A 366 -7.15 37.86 8.99
N ARG A 367 -7.54 36.61 9.26
CA ARG A 367 -8.37 35.81 8.37
C ARG A 367 -9.48 35.11 9.17
N LEU A 368 -10.25 35.89 9.94
CA LEU A 368 -11.34 35.35 10.75
C LEU A 368 -12.26 34.42 9.96
N TYR A 369 -12.55 33.25 10.55
CA TYR A 369 -13.54 32.31 10.04
C TYR A 369 -14.76 32.39 10.96
N GLU A 370 -15.78 33.13 10.55
CA GLU A 370 -17.00 33.21 11.34
C GLU A 370 -17.85 31.98 11.06
N MET A 371 -17.99 31.11 12.06
CA MET A 371 -18.77 29.88 11.94
C MET A 371 -19.86 29.84 12.99
N PRO A 372 -21.01 29.23 12.68
CA PRO A 372 -22.14 29.22 13.64
C PRO A 372 -21.81 28.54 14.96
N TYR A 373 -21.01 27.49 14.95
CA TYR A 373 -20.71 26.75 16.17
C TYR A 373 -19.43 25.96 15.95
N PHE A 374 -18.63 25.83 17.00
CA PHE A 374 -17.45 24.98 16.93
C PHE A 374 -17.89 23.53 16.90
N PRO A 375 -17.51 22.76 15.89
CA PRO A 375 -17.91 21.34 15.85
C PRO A 375 -17.29 20.57 17.00
N MET A 376 -17.97 19.49 17.41
CA MET A 376 -17.53 18.65 18.50
C MET A 376 -16.19 18.00 18.18
N GLY A 377 -15.14 18.39 18.92
CA GLY A 377 -13.82 17.86 18.67
C GLY A 377 -13.09 18.50 17.53
N PHE A 378 -13.53 19.68 17.07
CA PHE A 378 -12.86 20.37 15.98
C PHE A 378 -11.46 20.82 16.40
N TRP A 379 -11.34 21.36 17.61
CA TRP A 379 -10.07 21.93 18.03
C TRP A 379 -9.03 20.86 18.36
N SER A 380 -9.47 19.67 18.76
CA SER A 380 -8.53 18.59 19.03
C SER A 380 -7.83 18.15 17.74
N ARG A 381 -8.56 18.10 16.63
CA ARG A 381 -7.97 17.70 15.37
C ARG A 381 -7.09 18.80 14.77
N LEU A 382 -7.57 20.05 14.83
CA LEU A 382 -6.82 21.16 14.25
C LEU A 382 -5.47 21.35 14.96
N ILE A 383 -5.46 21.26 16.29
CA ILE A 383 -4.21 21.31 17.03
C ILE A 383 -3.33 20.13 16.65
N ASN A 384 -3.93 18.95 16.50
CA ASN A 384 -3.17 17.76 16.10
C ASN A 384 -2.58 17.92 14.71
N ARG A 385 -3.37 18.44 13.76
CA ARG A 385 -2.88 18.57 12.39
C ARG A 385 -1.73 19.57 12.31
N LEU A 386 -1.88 20.73 12.96
CA LEU A 386 -0.85 21.77 12.89
C LEU A 386 0.41 21.44 13.70
N LEU A 387 0.56 20.23 14.21
CA LEU A 387 1.79 19.82 14.87
C LEU A 387 2.73 19.12 13.89
N GLU A 388 3.03 19.81 12.78
CA GLU A 388 4.07 19.40 11.86
C GLU A 388 5.06 20.56 11.77
N ILE A 389 6.33 20.23 11.60
CA ILE A 389 7.35 21.26 11.46
C ILE A 389 8.02 21.02 10.12
N SER A 390 7.41 21.59 9.07
CA SER A 390 7.98 21.76 7.74
C SER A 390 7.16 22.75 6.92
N PRO A 391 7.04 24.02 7.33
CA PRO A 391 6.27 24.97 6.50
C PRO A 391 7.13 25.69 5.49
N TYR A 392 8.45 25.72 5.73
CA TYR A 392 9.40 26.41 4.88
C TYR A 392 10.19 25.45 3.99
N MET A 393 10.32 24.19 4.42
CA MET A 393 10.94 23.13 3.63
C MET A 393 9.96 21.96 3.66
N LEU A 394 9.04 21.95 2.70
CA LEU A 394 7.97 20.95 2.68
C LEU A 394 8.53 19.56 2.42
N SER A 395 7.70 18.55 2.71
CA SER A 395 8.03 17.13 2.57
C SER A 395 9.23 16.73 3.43
N GLY A 396 9.51 17.49 4.49
CA GLY A 396 10.64 17.18 5.36
C GLY A 396 11.99 17.30 4.70
N ARG A 397 12.13 18.19 3.71
CA ARG A 397 13.42 18.40 3.07
C ARG A 397 14.45 18.93 4.06
N GLU A 398 14.06 19.89 4.90
CA GLU A 398 14.93 20.42 5.93
C GLU A 398 14.08 20.70 7.17
N ARG A 399 14.32 19.93 8.24
CA ARG A 399 13.57 20.11 9.48
C ARG A 399 13.96 21.44 10.11
N ALA A 400 13.05 22.42 10.07
CA ALA A 400 13.31 23.75 10.58
C ALA A 400 13.43 23.74 12.11
N LEU A 401 13.80 24.90 12.64
CA LEU A 401 13.94 25.07 14.08
C LEU A 401 12.61 24.79 14.79
N ARG A 402 12.68 24.13 15.93
CA ARG A 402 11.49 23.89 16.73
C ARG A 402 10.96 25.19 17.29
N PRO A 403 9.73 25.60 16.95
CA PRO A 403 9.22 26.89 17.41
C PRO A 403 8.87 26.86 18.89
N ASN A 404 8.77 28.05 19.47
CA ASN A 404 8.33 28.19 20.86
C ASN A 404 6.81 28.01 20.92
N ARG A 405 6.39 26.77 20.68
CA ARG A 405 4.97 26.44 20.63
C ARG A 405 4.31 26.67 21.98
N ARG A 406 3.16 27.33 21.97
CA ARG A 406 2.34 27.49 23.16
C ARG A 406 1.06 26.69 22.97
N TYR A 407 0.59 26.08 24.04
CA TYR A 407 -0.54 25.16 24.00
C TYR A 407 -1.67 25.68 24.86
N TRP A 408 -2.88 25.66 24.31
CA TRP A 408 -4.09 25.88 25.09
C TRP A 408 -5.25 25.27 24.33
N ARG A 409 -6.43 25.29 24.97
CA ARG A 409 -7.54 24.42 24.56
C ARG A 409 -7.97 24.70 23.13
N GLN A 410 -8.08 25.98 22.75
CA GLN A 410 -8.56 26.35 21.41
C GLN A 410 -7.55 27.33 20.80
N GLY A 411 -6.47 26.80 20.25
CA GLY A 411 -5.51 27.64 19.58
C GLY A 411 -4.12 27.02 19.57
N ILE A 412 -3.20 27.74 18.95
CA ILE A 412 -1.81 27.32 18.83
C ILE A 412 -0.98 28.55 18.46
N TYR A 413 0.29 28.56 18.87
CA TYR A 413 1.13 29.74 18.72
C TYR A 413 2.53 29.36 18.20
N LEU A 414 2.58 28.63 17.09
CA LEU A 414 3.86 28.35 16.44
C LEU A 414 4.60 29.66 16.15
N ASN A 415 5.88 29.72 16.55
CA ASN A 415 6.66 30.95 16.44
C ASN A 415 8.10 30.60 16.14
N TRP A 416 8.54 30.84 14.91
CA TRP A 416 9.91 30.56 14.49
C TRP A 416 10.85 31.74 14.73
N SER A 417 10.36 32.96 14.53
CA SER A 417 11.19 34.15 14.57
C SER A 417 10.30 35.33 14.90
N PRO A 418 10.87 36.44 15.43
CA PRO A 418 10.06 37.63 15.71
C PRO A 418 9.39 38.27 14.49
N GLU A 419 9.65 37.75 13.29
CA GLU A 419 9.02 38.22 12.07
C GLU A 419 8.26 37.10 11.35
N ALA A 420 8.11 35.95 11.98
CA ALA A 420 7.42 34.81 11.36
C ALA A 420 6.73 34.03 12.47
N TYR A 421 5.44 34.30 12.68
CA TYR A 421 4.66 33.65 13.71
C TYR A 421 3.24 33.43 13.23
N CYS A 422 2.59 32.40 13.77
CA CYS A 422 1.19 32.12 13.47
C CYS A 422 0.44 31.91 14.77
N LEU A 423 -0.77 32.44 14.85
CA LEU A 423 -1.56 32.44 16.09
C LEU A 423 -2.99 32.01 15.79
N VAL A 424 -3.13 30.85 15.13
CA VAL A 424 -4.45 30.24 14.99
C VAL A 424 -5.07 30.09 16.37
N GLY A 425 -6.29 30.59 16.53
CA GLY A 425 -6.93 30.53 17.83
C GLY A 425 -8.35 31.04 17.79
N SER A 426 -9.14 30.57 18.74
CA SER A 426 -10.53 31.00 18.84
C SER A 426 -10.62 32.42 19.37
N GLU A 427 -11.73 33.08 19.06
CA GLU A 427 -11.96 34.45 19.50
C GLU A 427 -13.46 34.72 19.45
N VAL A 428 -13.95 35.46 20.44
CA VAL A 428 -15.36 35.84 20.52
C VAL A 428 -15.44 37.36 20.55
N LEU A 429 -16.31 37.92 19.71
CA LEU A 429 -16.49 39.36 19.61
C LEU A 429 -17.78 39.80 20.30
N ASP A 430 -17.83 41.08 20.64
CA ASP A 430 -18.99 41.63 21.33
C ASP A 430 -20.22 41.58 20.45
N ASN A 431 -21.36 41.24 21.06
CA ASN A 431 -22.66 41.15 20.39
C ASN A 431 -22.62 40.16 19.21
N HIS A 432 -21.89 39.06 19.39
CA HIS A 432 -21.78 38.02 18.36
C HIS A 432 -21.78 36.66 19.03
N PRO A 433 -22.90 35.93 18.98
CA PRO A 433 -22.93 34.58 19.59
C PRO A 433 -22.10 33.55 18.85
N GLU A 434 -21.65 33.84 17.62
CA GLU A 434 -20.91 32.88 16.82
C GLU A 434 -19.47 32.75 17.33
N SER A 435 -18.69 31.93 16.64
CA SER A 435 -17.31 31.65 17.00
C SER A 435 -16.39 31.94 15.83
N PHE A 436 -15.16 32.36 16.14
CA PHE A 436 -14.21 32.79 15.13
C PHE A 436 -12.92 31.96 15.21
N LEU A 437 -12.08 32.11 14.21
CA LEU A 437 -10.88 31.31 14.03
C LEU A 437 -9.71 32.22 13.62
N LYS A 438 -9.52 33.30 14.37
CA LYS A 438 -8.56 34.35 14.07
C LYS A 438 -7.16 33.82 13.79
N ILE A 439 -6.63 34.16 12.61
CA ILE A 439 -5.23 33.93 12.25
C ILE A 439 -4.50 35.26 12.35
N THR A 440 -3.25 35.25 12.82
CA THR A 440 -2.53 36.49 13.09
C THR A 440 -1.11 36.41 12.53
N VAL A 441 -1.00 36.00 11.27
CA VAL A 441 0.30 35.95 10.59
C VAL A 441 0.80 37.37 10.31
N PRO A 442 2.10 37.59 10.20
CA PRO A 442 2.60 38.95 9.91
C PRO A 442 2.50 39.27 8.43
N SER A 443 2.73 40.56 8.13
CA SER A 443 2.69 41.05 6.76
C SER A 443 4.10 41.12 6.17
N CYS A 444 4.73 39.95 6.04
CA CYS A 444 6.04 39.82 5.43
C CYS A 444 6.01 38.64 4.47
N ARG A 445 7.16 38.37 3.83
CA ARG A 445 7.24 37.22 2.93
C ARG A 445 7.04 35.92 3.69
N LYS A 446 7.66 35.79 4.86
CA LYS A 446 7.45 34.59 5.67
C LYS A 446 6.06 34.57 6.29
N GLY A 447 5.44 35.74 6.49
CA GLY A 447 4.07 35.78 6.94
C GLY A 447 3.09 35.26 5.90
N CYS A 448 3.32 35.61 4.63
CA CYS A 448 2.44 35.17 3.56
C CYS A 448 2.56 33.67 3.30
N ILE A 449 3.76 33.11 3.48
CA ILE A 449 3.94 31.67 3.29
C ILE A 449 3.14 30.90 4.33
N LEU A 450 3.20 31.34 5.59
CA LEU A 450 2.51 30.63 6.67
C LEU A 450 1.00 30.67 6.48
N LEU A 451 0.46 31.83 6.10
CA LEU A 451 -0.98 31.94 5.89
C LEU A 451 -1.44 31.09 4.71
N GLY A 452 -0.58 30.91 3.71
CA GLY A 452 -0.95 30.07 2.57
C GLY A 452 -1.11 28.62 2.96
N GLN A 453 -0.28 28.14 3.87
CA GLN A 453 -0.31 26.73 4.27
C GLN A 453 -1.32 26.47 5.38
N VAL A 454 -1.44 27.39 6.34
CA VAL A 454 -2.37 27.21 7.45
C VAL A 454 -3.81 27.14 6.94
N VAL A 455 -4.18 28.02 6.01
CA VAL A 455 -5.53 28.03 5.46
C VAL A 455 -5.80 26.75 4.69
N ASP A 456 -4.79 26.24 3.98
CA ASP A 456 -4.96 25.00 3.23
C ASP A 456 -5.22 23.82 4.15
N HIS A 457 -4.53 23.77 5.30
CA HIS A 457 -4.73 22.67 6.23
C HIS A 457 -6.06 22.80 6.97
N ILE A 458 -6.50 24.02 7.25
CA ILE A 458 -7.81 24.22 7.85
C ILE A 458 -8.91 23.78 6.89
N ASP A 459 -8.76 24.12 5.60
CA ASP A 459 -9.74 23.72 4.61
C ASP A 459 -9.67 22.22 4.33
N SER A 460 -8.50 21.61 4.54
CA SER A 460 -8.39 20.16 4.37
C SER A 460 -9.13 19.42 5.46
N LEU A 461 -9.11 19.95 6.69
CA LEU A 461 -9.83 19.32 7.80
C LEU A 461 -11.33 19.38 7.58
N MET A 462 -11.86 20.55 7.23
CA MET A 462 -13.29 20.74 7.12
C MET A 462 -13.88 20.12 5.87
N GLU A 463 -13.05 19.78 4.88
CA GLU A 463 -13.54 19.03 3.73
C GLU A 463 -13.65 17.54 4.02
N GLU A 464 -12.78 17.03 4.89
CA GLU A 464 -12.72 15.60 5.18
C GLU A 464 -13.56 15.22 6.39
N TRP A 465 -13.41 15.96 7.50
CA TRP A 465 -13.95 15.55 8.78
C TRP A 465 -15.24 16.28 9.17
N PHE A 466 -15.43 17.52 8.73
CA PHE A 466 -16.59 18.32 9.10
C PHE A 466 -17.26 18.90 7.86
N PRO A 467 -17.89 18.06 7.03
CA PRO A 467 -18.57 18.58 5.84
C PRO A 467 -19.82 19.39 6.15
N GLY A 468 -20.34 19.31 7.37
CA GLY A 468 -21.56 20.05 7.70
C GLY A 468 -21.39 21.54 7.60
N LEU A 469 -20.21 22.06 8.00
CA LEU A 469 -19.97 23.49 7.89
C LEU A 469 -19.94 23.95 6.43
N LEU A 470 -19.33 23.16 5.56
CA LEU A 470 -19.23 23.50 4.14
C LEU A 470 -20.41 22.90 3.36
N GLU A 471 -21.61 23.23 3.80
CA GLU A 471 -22.85 22.76 3.17
C GLU A 471 -23.57 23.93 2.53
N ILE A 472 -23.88 23.78 1.24
CA ILE A 472 -24.57 24.84 0.50
C ILE A 472 -26.07 24.75 0.72
N THR A 480 -22.83 27.05 2.87
CA THR A 480 -22.63 28.48 2.97
C THR A 480 -22.75 28.96 4.41
N LEU A 481 -22.84 28.00 5.34
CA LEU A 481 -22.90 28.35 6.76
C LEU A 481 -21.62 29.03 7.21
N LEU A 482 -20.47 28.53 6.76
CA LEU A 482 -19.20 29.19 7.05
C LEU A 482 -19.06 30.45 6.22
N LYS A 483 -18.49 31.49 6.81
CA LYS A 483 -18.18 32.73 6.10
C LYS A 483 -16.77 33.15 6.49
N LYS A 484 -15.91 33.33 5.49
CA LYS A 484 -14.52 33.69 5.71
C LYS A 484 -14.35 35.19 5.46
N TRP A 485 -13.81 35.90 6.45
CA TRP A 485 -13.59 37.33 6.36
C TRP A 485 -12.09 37.62 6.33
N ALA A 486 -11.70 38.60 5.53
CA ALA A 486 -10.33 39.10 5.47
C ALA A 486 -10.32 40.53 5.99
N LEU A 487 -9.43 40.82 6.93
CA LEU A 487 -9.40 42.11 7.59
C LEU A 487 -8.36 43.02 6.94
N TYR A 488 -8.77 44.25 6.65
CA TYR A 488 -7.89 45.23 6.04
C TYR A 488 -8.07 46.57 6.74
N SER A 489 -7.05 47.42 6.64
CA SER A 489 -7.09 48.76 7.22
C SER A 489 -6.32 49.71 6.32
N PHE A 490 -7.02 50.71 5.78
CA PHE A 490 -6.37 51.66 4.88
C PHE A 490 -5.33 52.49 5.61
N ASN A 491 -5.61 52.91 6.83
CA ASN A 491 -4.70 53.71 7.63
C ASN A 491 -4.59 53.12 9.03
N ASP A 492 -3.39 53.19 9.60
CA ASP A 492 -3.16 52.68 10.95
C ASP A 492 -3.92 53.50 11.99
N GLY A 493 -4.49 52.82 12.96
CA GLY A 493 -5.22 53.46 14.03
C GLY A 493 -6.71 53.59 13.79
N GLU A 494 -7.17 53.43 12.55
CA GLU A 494 -8.58 53.54 12.23
C GLU A 494 -9.29 52.22 12.55
N GLU A 495 -10.60 52.18 12.25
CA GLU A 495 -11.37 50.96 12.46
C GLU A 495 -10.88 49.86 11.53
N HIS A 496 -10.77 48.65 12.08
CA HIS A 496 -10.25 47.50 11.34
C HIS A 496 -11.46 46.79 10.72
N GLN A 497 -11.68 47.01 9.44
CA GLN A 497 -12.93 46.63 8.79
C GLN A 497 -12.91 45.17 8.32
N LYS A 498 -14.06 44.71 7.84
CA LYS A 498 -14.24 43.34 7.37
C LYS A 498 -14.77 43.34 5.95
N ILE A 499 -14.26 42.43 5.13
CA ILE A 499 -14.80 42.18 3.79
C ILE A 499 -14.89 40.67 3.60
N LEU A 500 -16.05 40.20 3.12
CA LEU A 500 -16.22 38.78 2.86
C LEU A 500 -15.26 38.35 1.75
N LEU A 501 -14.62 37.19 1.95
CA LEU A 501 -13.49 36.80 1.11
C LEU A 501 -13.90 36.52 -0.33
N ASP A 502 -15.10 35.96 -0.54
CA ASP A 502 -15.54 35.68 -1.90
C ASP A 502 -15.74 36.96 -2.71
N ASP A 503 -16.16 38.04 -2.06
CA ASP A 503 -16.22 39.33 -2.73
C ASP A 503 -14.83 39.83 -3.11
N LEU A 504 -13.84 39.60 -2.22
CA LEU A 504 -12.46 39.96 -2.54
C LEU A 504 -11.95 39.15 -3.72
N MET A 505 -12.36 37.88 -3.82
CA MET A 505 -11.92 37.04 -4.93
C MET A 505 -12.39 37.60 -6.26
N LYS A 506 -13.64 38.05 -6.33
CA LYS A 506 -14.15 38.65 -7.56
C LYS A 506 -13.45 39.97 -7.87
N LYS A 507 -13.10 40.73 -6.84
CA LYS A 507 -12.34 41.96 -7.05
C LYS A 507 -10.90 41.67 -7.45
N ALA A 508 -10.34 40.56 -6.96
CA ALA A 508 -8.95 40.23 -7.27
C ALA A 508 -8.79 39.83 -8.74
N GLU A 509 -9.79 39.16 -9.31
CA GLU A 509 -9.67 38.72 -10.70
C GLU A 509 -9.81 39.88 -11.67
N GLU A 510 -10.64 40.88 -11.34
CA GLU A 510 -10.78 42.05 -12.19
C GLU A 510 -9.63 43.04 -12.04
N GLY A 511 -8.94 43.02 -10.90
CA GLY A 511 -7.81 43.91 -10.68
C GLY A 511 -6.98 43.50 -9.48
N ASP A 512 -5.70 43.87 -9.47
CA ASP A 512 -4.80 43.47 -8.40
C ASP A 512 -4.74 44.50 -7.28
N LEU A 513 -5.52 45.57 -7.37
CA LEU A 513 -5.51 46.63 -6.37
C LEU A 513 -6.92 46.82 -5.80
N LEU A 514 -6.98 47.22 -4.54
CA LEU A 514 -8.24 47.48 -3.84
C LEU A 514 -8.46 48.98 -3.77
N VAL A 515 -9.62 49.43 -4.25
CA VAL A 515 -9.96 50.84 -4.29
C VAL A 515 -10.97 51.17 -3.20
N ASN A 516 -10.72 52.26 -2.48
CA ASN A 516 -11.63 52.70 -1.43
C ASN A 516 -12.86 53.34 -2.06
N PRO A 517 -14.07 52.83 -1.77
CA PRO A 517 -15.28 53.46 -2.33
C PRO A 517 -15.45 54.92 -1.95
N ASP A 518 -15.03 55.31 -0.75
CA ASP A 518 -15.15 56.71 -0.33
C ASP A 518 -14.34 57.64 -1.23
N GLN A 519 -13.11 57.25 -1.54
CA GLN A 519 -12.24 58.03 -2.42
C GLN A 519 -11.13 57.15 -2.98
N PRO A 520 -10.90 57.17 -4.29
CA PRO A 520 -9.85 56.33 -4.89
C PRO A 520 -8.43 56.86 -4.68
N ARG A 521 -8.24 57.87 -3.85
CA ARG A 521 -6.90 58.42 -3.64
C ARG A 521 -5.99 57.43 -2.92
N LEU A 522 -6.52 56.72 -1.92
CA LEU A 522 -5.74 55.78 -1.13
C LEU A 522 -6.15 54.35 -1.48
N THR A 523 -5.14 53.50 -1.73
CA THR A 523 -5.36 52.12 -2.11
C THR A 523 -4.35 51.23 -1.41
N ILE A 524 -4.73 49.96 -1.21
CA ILE A 524 -3.84 48.95 -0.65
C ILE A 524 -3.89 47.70 -1.51
N PRO A 525 -2.80 46.95 -1.64
CA PRO A 525 -2.80 45.78 -2.52
C PRO A 525 -3.56 44.61 -1.89
N ILE A 526 -3.96 43.68 -2.77
CA ILE A 526 -4.58 42.44 -2.30
C ILE A 526 -3.55 41.47 -1.74
N SER A 527 -2.26 41.71 -2.00
CA SER A 527 -1.22 40.83 -1.48
C SER A 527 -0.94 41.04 0.01
N GLN A 528 -1.53 42.07 0.62
CA GLN A 528 -1.36 42.33 2.04
C GLN A 528 -2.62 42.02 2.83
N ILE A 529 -3.77 41.90 2.18
CA ILE A 529 -5.02 41.54 2.84
C ILE A 529 -5.24 40.04 2.77
N ALA A 530 -5.22 39.50 1.56
CA ALA A 530 -5.36 38.06 1.33
C ALA A 530 -4.27 37.60 0.38
N PRO A 531 -3.06 37.36 0.88
CA PRO A 531 -1.95 36.95 -0.02
C PRO A 531 -2.21 35.65 -0.75
N ASP A 532 -2.91 34.69 -0.14
CA ASP A 532 -3.15 33.42 -0.81
C ASP A 532 -4.16 33.54 -1.94
N LEU A 533 -4.98 34.59 -1.95
CA LEU A 533 -5.99 34.74 -3.00
C LEU A 533 -5.35 34.95 -4.37
N ILE A 534 -4.32 35.77 -4.45
CA ILE A 534 -3.68 36.08 -5.72
C ILE A 534 -2.42 35.24 -5.96
N LEU A 535 -2.30 34.11 -5.25
CA LEU A 535 -1.17 33.19 -5.38
C LEU A 535 0.16 33.90 -5.10
N ALA A 536 0.17 34.76 -4.09
CA ALA A 536 1.38 35.49 -3.71
C ALA A 536 2.29 34.71 -2.78
N ASP A 537 1.84 33.56 -2.28
CA ASP A 537 2.67 32.75 -1.39
C ASP A 537 3.53 31.72 -2.13
N LEU A 538 3.35 31.59 -3.44
CA LEU A 538 4.19 30.69 -4.21
C LEU A 538 5.60 31.27 -4.34
N PRO A 539 6.61 30.42 -4.53
CA PRO A 539 7.97 30.91 -4.74
C PRO A 539 8.06 31.79 -5.98
N ARG A 540 8.95 32.78 -5.92
CA ARG A 540 9.14 33.71 -7.03
C ARG A 540 9.72 33.03 -8.27
N ASN A 541 10.24 31.82 -8.14
CA ASN A 541 10.76 31.10 -9.31
C ASN A 541 9.65 30.80 -10.30
N ILE A 542 8.45 30.49 -9.82
CA ILE A 542 7.31 30.13 -10.66
C ILE A 542 6.26 31.23 -10.55
N MET A 543 6.03 31.93 -11.65
CA MET A 543 5.03 32.98 -11.73
C MET A 543 4.79 33.29 -13.20
N LEU A 544 3.52 33.51 -13.56
CA LEU A 544 3.16 33.66 -14.97
C LEU A 544 3.64 35.00 -15.52
N ASN A 545 4.83 35.00 -16.12
CA ASN A 545 5.36 36.16 -16.84
C ASN A 545 4.64 36.20 -18.19
N ASN A 546 3.50 36.87 -18.22
CA ASN A 546 2.64 36.83 -19.40
C ASN A 546 3.12 37.77 -20.50
N ASP A 547 4.39 37.67 -20.87
CA ASP A 547 4.97 38.39 -21.98
C ASP A 547 5.80 37.51 -22.89
N GLU A 548 6.31 36.38 -22.40
CA GLU A 548 7.06 35.41 -23.19
C GLU A 548 6.28 34.12 -23.37
N LEU A 549 4.96 34.18 -23.21
CA LEU A 549 4.08 33.01 -23.30
C LEU A 549 3.17 33.19 -24.51
N GLU A 550 3.49 32.47 -25.59
CA GLU A 550 2.67 32.46 -26.79
C GLU A 550 1.64 31.35 -26.67
N PHE A 551 0.39 31.72 -26.46
CA PHE A 551 -0.69 30.77 -26.19
C PHE A 551 -1.81 30.96 -27.18
N GLU A 552 -2.32 29.84 -27.70
CA GLU A 552 -3.46 29.84 -28.60
C GLU A 552 -4.51 28.88 -28.06
N GLN A 553 -5.69 29.41 -27.72
CA GLN A 553 -6.76 28.63 -27.12
C GLN A 553 -7.70 28.04 -28.17
N ALA A 554 -7.39 28.23 -29.46
CA ALA A 554 -8.23 27.69 -30.52
C ALA A 554 -8.27 26.15 -30.43
N PRO A 555 -9.44 25.53 -30.61
CA PRO A 555 -9.53 24.07 -30.41
C PRO A 555 -8.84 23.26 -31.50
N GLU A 556 -7.58 23.57 -31.76
CA GLU A 556 -6.72 22.79 -32.64
C GLU A 556 -5.43 22.35 -31.94
N PHE A 557 -4.96 23.15 -30.99
CA PHE A 557 -3.82 22.80 -30.13
C PHE A 557 -4.31 22.15 -28.84
N LEU A 558 -5.10 21.10 -28.96
CA LEU A 558 -5.69 20.43 -27.80
C LEU A 558 -4.97 19.13 -27.54
N LEU A 559 -4.57 18.93 -26.28
CA LEU A 559 -3.81 17.77 -25.87
C LEU A 559 -4.63 16.76 -25.10
N GLY A 560 -5.89 17.03 -24.85
CA GLY A 560 -6.74 16.11 -24.13
C GLY A 560 -7.78 16.85 -23.32
N ASP A 561 -8.12 16.28 -22.17
CA ASP A 561 -9.12 16.84 -21.29
C ASP A 561 -8.74 16.48 -19.86
N GLY A 562 -9.67 16.61 -18.93
CA GLY A 562 -9.40 16.31 -17.55
C GLY A 562 -10.66 16.45 -16.72
N SER A 563 -10.50 16.20 -15.42
CA SER A 563 -11.63 16.28 -14.51
C SER A 563 -12.19 17.70 -14.40
N PHE A 564 -11.31 18.71 -14.39
CA PHE A 564 -11.76 20.08 -14.17
C PHE A 564 -11.08 21.08 -15.09
N GLY A 565 -10.43 20.64 -16.17
CA GLY A 565 -9.76 21.57 -17.04
C GLY A 565 -9.42 20.95 -18.37
N SER A 566 -8.78 21.75 -19.21
CA SER A 566 -8.33 21.32 -20.54
C SER A 566 -6.86 21.66 -20.68
N VAL A 567 -6.17 20.89 -21.52
CA VAL A 567 -4.73 21.03 -21.70
C VAL A 567 -4.47 21.46 -23.15
N TYR A 568 -3.67 22.50 -23.32
CA TYR A 568 -3.35 23.03 -24.64
C TYR A 568 -1.84 23.14 -24.83
N ARG A 569 -1.42 23.00 -26.08
CA ARG A 569 -0.03 23.26 -26.43
C ARG A 569 0.26 24.75 -26.37
N ALA A 570 1.47 25.10 -25.93
CA ALA A 570 1.87 26.50 -25.83
C ALA A 570 3.39 26.57 -25.75
N ALA A 571 3.91 27.77 -25.90
CA ALA A 571 5.34 28.04 -25.82
C ALA A 571 5.63 28.99 -24.67
N TYR A 572 6.52 28.59 -23.77
CA TYR A 572 6.90 29.38 -22.62
C TYR A 572 8.41 29.53 -22.60
N GLU A 573 8.90 30.76 -22.77
CA GLU A 573 10.33 31.07 -22.81
C GLU A 573 11.04 30.24 -23.88
N GLY A 574 10.42 30.14 -25.06
CA GLY A 574 11.00 29.42 -26.16
C GLY A 574 11.14 27.92 -25.94
N GLU A 575 10.11 27.29 -25.39
CA GLU A 575 10.10 25.84 -25.16
C GLU A 575 8.73 25.32 -25.54
N GLU A 576 8.47 24.06 -25.21
CA GLU A 576 7.17 23.42 -25.44
C GLU A 576 6.58 23.04 -24.09
N VAL A 577 5.37 23.53 -23.82
CA VAL A 577 4.72 23.33 -22.53
C VAL A 577 3.28 22.88 -22.77
N ALA A 578 2.68 22.33 -21.71
CA ALA A 578 1.28 21.92 -21.71
C ALA A 578 0.54 22.76 -20.69
N VAL A 579 -0.38 23.59 -21.16
CA VAL A 579 -1.06 24.57 -20.31
C VAL A 579 -2.38 23.99 -19.82
N LYS A 580 -2.50 23.84 -18.51
CA LYS A 580 -3.75 23.42 -17.89
C LYS A 580 -4.58 24.66 -17.59
N ILE A 581 -5.65 24.86 -18.35
CA ILE A 581 -6.53 26.01 -18.19
C ILE A 581 -7.85 25.53 -17.59
N PHE A 582 -8.28 26.21 -16.53
CA PHE A 582 -9.47 25.81 -15.80
C PHE A 582 -10.72 26.47 -16.38
N ASN A 583 -11.88 25.97 -15.98
CA ASN A 583 -13.16 26.42 -16.49
C ASN A 583 -13.83 27.36 -15.49
N LYS A 584 -15.03 27.84 -15.87
CA LYS A 584 -15.77 28.76 -15.02
C LYS A 584 -16.20 28.12 -13.71
N HIS A 585 -16.65 26.86 -13.77
CA HIS A 585 -17.13 26.15 -12.59
C HIS A 585 -15.93 25.58 -11.82
N THR A 586 -15.19 26.48 -11.19
CA THR A 586 -13.99 26.11 -10.43
C THR A 586 -13.65 27.24 -9.47
N SER A 587 -13.59 26.93 -8.18
CA SER A 587 -13.15 27.88 -7.18
C SER A 587 -11.64 27.78 -6.98
N LEU A 588 -11.07 28.81 -6.34
CA LEU A 588 -9.64 28.83 -6.09
C LEU A 588 -9.19 27.69 -5.17
N ARG A 589 -10.09 27.15 -4.35
CA ARG A 589 -9.75 26.02 -3.50
C ARG A 589 -9.32 24.82 -4.33
N LEU A 590 -9.94 24.64 -5.50
CA LEU A 590 -9.55 23.54 -6.38
C LEU A 590 -8.16 23.76 -6.96
N LEU A 591 -7.84 24.99 -7.35
CA LEU A 591 -6.51 25.30 -7.86
C LEU A 591 -5.46 25.11 -6.78
N ARG A 592 -5.74 25.60 -5.57
CA ARG A 592 -4.79 25.45 -4.47
C ARG A 592 -4.63 24.01 -4.03
N GLN A 593 -5.62 23.15 -4.31
CA GLN A 593 -5.51 21.74 -3.97
C GLN A 593 -4.45 21.04 -4.81
N GLU A 594 -4.15 21.57 -5.99
CA GLU A 594 -3.13 21.00 -6.86
C GLU A 594 -1.75 21.59 -6.58
N LEU A 595 -1.71 22.85 -6.10
CA LEU A 595 -0.45 23.52 -5.88
C LEU A 595 0.33 22.93 -4.72
N VAL A 596 -0.37 22.44 -3.68
CA VAL A 596 0.31 21.94 -2.49
C VAL A 596 1.14 20.70 -2.77
N VAL A 597 0.86 20.00 -3.87
CA VAL A 597 1.59 18.79 -4.22
C VAL A 597 2.56 19.06 -5.36
N LEU A 598 2.37 20.15 -6.10
CA LEU A 598 3.11 20.45 -7.32
C LEU A 598 4.24 21.43 -7.11
N CYS A 599 4.01 22.48 -6.32
CA CYS A 599 5.03 23.51 -6.09
C CYS A 599 5.85 23.24 -4.83
N HIS A 600 5.60 22.14 -4.13
CA HIS A 600 6.36 21.78 -2.93
C HIS A 600 7.09 20.46 -3.04
N LEU A 601 6.71 19.58 -3.97
CA LEU A 601 7.31 18.27 -4.10
C LEU A 601 7.96 18.16 -5.47
N HIS A 602 9.23 17.78 -5.49
CA HIS A 602 9.99 17.62 -6.72
C HIS A 602 10.58 16.22 -6.79
N HIS A 603 10.40 15.56 -7.92
CA HIS A 603 10.79 14.16 -8.09
C HIS A 603 10.84 13.87 -9.58
N PRO A 604 11.73 12.98 -10.03
CA PRO A 604 11.75 12.63 -11.46
C PRO A 604 10.49 11.91 -11.94
N SER A 605 9.70 11.32 -11.04
CA SER A 605 8.48 10.62 -11.41
C SER A 605 7.23 11.46 -11.19
N LEU A 606 7.38 12.73 -10.83
CA LEU A 606 6.25 13.64 -10.65
C LEU A 606 6.40 14.81 -11.61
N ILE A 607 5.31 15.16 -12.29
CA ILE A 607 5.30 16.30 -13.19
C ILE A 607 5.51 17.59 -12.40
N SER A 608 6.10 18.59 -13.05
CA SER A 608 6.50 19.82 -12.38
C SER A 608 5.96 21.03 -13.13
N LEU A 609 5.82 22.13 -12.40
CA LEU A 609 5.36 23.40 -12.95
C LEU A 609 6.50 24.24 -13.48
N LEU A 610 6.16 25.19 -14.35
CA LEU A 610 7.05 26.24 -14.76
C LEU A 610 6.50 27.63 -14.49
N ALA A 611 5.18 27.78 -14.39
CA ALA A 611 4.54 29.05 -14.08
C ALA A 611 3.10 28.77 -13.63
N ALA A 612 2.50 29.76 -12.98
CA ALA A 612 1.12 29.62 -12.51
C ALA A 612 0.55 31.01 -12.31
N GLY A 613 -0.44 31.38 -13.14
CA GLY A 613 -1.12 32.65 -13.03
C GLY A 613 -2.55 32.50 -12.56
N ILE A 614 -3.20 33.64 -12.31
CA ILE A 614 -4.58 33.63 -11.86
C ILE A 614 -5.42 34.50 -12.78
N ARG A 615 -4.80 35.50 -13.43
CA ARG A 615 -5.56 36.39 -14.31
C ARG A 615 -6.22 35.63 -15.45
N PRO A 616 -5.55 34.71 -16.16
CA PRO A 616 -6.30 33.75 -17.00
C PRO A 616 -6.60 32.43 -16.31
N ARG A 617 -6.08 32.22 -15.09
CA ARG A 617 -6.28 30.99 -14.30
C ARG A 617 -5.80 29.75 -15.06
N MET A 618 -4.49 29.73 -15.34
CA MET A 618 -3.85 28.57 -15.96
C MET A 618 -2.60 28.18 -15.19
N LEU A 619 -2.28 26.89 -15.24
CA LEU A 619 -1.00 26.36 -14.80
C LEU A 619 -0.22 25.92 -16.02
N VAL A 620 1.08 26.22 -16.04
CA VAL A 620 1.95 25.82 -17.13
C VAL A 620 2.77 24.62 -16.67
N MET A 621 2.63 23.51 -17.38
CA MET A 621 3.17 22.23 -16.95
C MET A 621 4.16 21.69 -17.97
N GLU A 622 4.87 20.65 -17.59
CA GLU A 622 5.76 19.97 -18.52
C GLU A 622 4.96 19.21 -19.57
N LEU A 623 5.59 19.00 -20.73
CA LEU A 623 4.94 18.34 -21.86
C LEU A 623 5.40 16.89 -21.93
N ALA A 624 4.46 15.97 -21.90
CA ALA A 624 4.77 14.55 -22.12
C ALA A 624 4.89 14.32 -23.63
N SER A 625 6.09 13.96 -24.07
CA SER A 625 6.39 13.95 -25.50
C SER A 625 5.53 12.93 -26.26
N LYS A 626 5.34 11.74 -25.70
CA LYS A 626 4.70 10.64 -26.42
C LYS A 626 3.37 10.24 -25.79
N GLY A 627 2.66 11.19 -25.20
CA GLY A 627 1.27 10.99 -24.82
C GLY A 627 1.10 10.16 -23.56
N SER A 628 -0.16 10.10 -23.12
CA SER A 628 -0.52 9.34 -21.93
C SER A 628 -0.36 7.85 -22.19
N LEU A 629 -0.35 7.08 -21.10
CA LEU A 629 -0.10 5.64 -21.21
C LEU A 629 -1.27 4.91 -21.86
N ASP A 630 -2.50 5.43 -21.75
CA ASP A 630 -3.65 4.77 -22.36
C ASP A 630 -3.50 4.70 -23.87
N ARG A 631 -3.03 5.78 -24.49
CA ARG A 631 -2.82 5.77 -25.93
C ARG A 631 -1.78 4.74 -26.34
N LEU A 632 -0.82 4.46 -25.45
CA LEU A 632 0.18 3.43 -25.74
C LEU A 632 -0.41 2.03 -25.59
N LEU A 633 -1.21 1.81 -24.54
CA LEU A 633 -1.74 0.47 -24.26
C LEU A 633 -2.62 -0.04 -25.38
N GLN A 634 -3.53 0.80 -25.88
CA GLN A 634 -4.53 0.34 -26.83
C GLN A 634 -4.02 0.36 -28.27
N GLN A 635 -3.56 1.52 -28.74
CA GLN A 635 -3.24 1.70 -30.15
C GLN A 635 -1.78 1.45 -30.48
N ASP A 636 -0.94 1.13 -29.50
CA ASP A 636 0.50 0.95 -29.72
C ASP A 636 0.99 -0.32 -29.03
N LYS A 637 0.29 -1.43 -29.25
CA LYS A 637 0.69 -2.71 -28.65
C LYS A 637 1.80 -3.38 -29.44
N ALA A 638 2.87 -2.65 -29.74
CA ALA A 638 4.04 -3.20 -30.41
C ALA A 638 5.37 -2.79 -29.80
N SER A 639 5.43 -1.67 -29.09
CA SER A 639 6.66 -1.18 -28.46
C SER A 639 6.74 -1.54 -26.98
N LEU A 640 5.79 -2.30 -26.45
CA LEU A 640 5.78 -2.67 -25.04
C LEU A 640 6.51 -3.99 -24.86
N THR A 641 7.83 -3.90 -24.66
CA THR A 641 8.63 -5.08 -24.33
C THR A 641 8.52 -5.35 -22.84
N ARG A 642 9.14 -6.45 -22.40
CA ARG A 642 9.14 -6.79 -20.98
C ARG A 642 10.08 -5.92 -20.17
N THR A 643 10.98 -5.17 -20.82
CA THR A 643 11.84 -4.23 -20.12
C THR A 643 11.14 -2.89 -19.89
N LEU A 644 10.51 -2.36 -20.94
CA LEU A 644 9.83 -1.06 -20.83
C LEU A 644 8.69 -1.12 -19.83
N GLN A 645 7.95 -2.24 -19.81
CA GLN A 645 6.86 -2.39 -18.85
C GLN A 645 7.37 -2.36 -17.41
N HIS A 646 8.62 -2.78 -17.19
CA HIS A 646 9.14 -2.79 -15.83
C HIS A 646 9.48 -1.39 -15.34
N ARG A 647 10.12 -0.57 -16.19
CA ARG A 647 10.46 0.79 -15.78
C ARG A 647 9.22 1.64 -15.58
N ILE A 648 8.15 1.37 -16.33
CA ILE A 648 6.91 2.11 -16.14
C ILE A 648 6.30 1.76 -14.78
N ALA A 649 6.28 0.47 -14.43
CA ALA A 649 5.79 0.08 -13.11
C ALA A 649 6.73 0.53 -12.01
N LEU A 650 8.03 0.61 -12.31
CA LEU A 650 9.01 1.05 -11.32
C LEU A 650 8.88 2.55 -11.06
N HIS A 651 8.73 3.34 -12.12
CA HIS A 651 8.70 4.79 -11.97
C HIS A 651 7.43 5.27 -11.28
N VAL A 652 6.29 4.63 -11.57
CA VAL A 652 5.05 5.01 -10.90
C VAL A 652 5.11 4.66 -9.42
N ALA A 653 5.61 3.47 -9.09
CA ALA A 653 5.78 3.11 -7.70
C ALA A 653 6.84 3.96 -7.01
N ASP A 654 7.79 4.49 -7.78
CA ASP A 654 8.75 5.43 -7.24
C ASP A 654 8.08 6.74 -6.86
N GLY A 655 7.18 7.23 -7.71
CA GLY A 655 6.46 8.45 -7.39
C GLY A 655 5.51 8.28 -6.21
N LEU A 656 4.85 7.13 -6.13
CA LEU A 656 3.93 6.87 -5.02
C LEU A 656 4.69 6.81 -3.70
N ARG A 657 5.89 6.24 -3.70
CA ARG A 657 6.70 6.16 -2.49
C ARG A 657 7.04 7.56 -1.96
N TYR A 658 7.34 8.49 -2.87
CA TYR A 658 7.63 9.86 -2.45
C TYR A 658 6.37 10.58 -1.99
N LEU A 659 5.25 10.39 -2.71
CA LEU A 659 4.00 11.04 -2.33
C LEU A 659 3.53 10.56 -0.96
N HIS A 660 3.59 9.26 -0.72
CA HIS A 660 3.14 8.72 0.56
C HIS A 660 4.10 9.05 1.70
N SER A 661 5.36 9.35 1.39
CA SER A 661 6.32 9.77 2.42
C SER A 661 6.18 11.24 2.76
N ALA A 662 5.41 12.01 2.01
CA ALA A 662 5.12 13.40 2.29
C ALA A 662 3.73 13.60 2.87
N MET A 663 3.12 12.53 3.39
CA MET A 663 1.77 12.55 3.96
C MET A 663 0.74 13.07 2.97
N ILE A 664 0.85 12.61 1.71
CA ILE A 664 -0.08 12.99 0.66
C ILE A 664 -0.56 11.72 -0.04
N ILE A 665 -1.87 11.56 -0.11
CA ILE A 665 -2.48 10.47 -0.86
C ILE A 665 -2.80 10.96 -2.26
N TYR A 666 -2.87 10.03 -3.21
CA TYR A 666 -3.12 10.37 -4.61
C TYR A 666 -4.57 10.14 -5.02
N ARG A 667 -5.09 8.92 -4.82
CA ARG A 667 -6.47 8.53 -5.01
C ARG A 667 -6.93 8.54 -6.47
N ASP A 668 -6.07 8.93 -7.41
CA ASP A 668 -6.44 9.08 -8.81
C ASP A 668 -5.41 8.42 -9.72
N LEU A 669 -5.04 7.19 -9.37
CA LEU A 669 -4.04 6.44 -10.15
C LEU A 669 -4.76 5.60 -11.20
N LYS A 670 -4.72 6.06 -12.44
CA LYS A 670 -5.30 5.38 -13.58
C LYS A 670 -4.22 5.26 -14.66
N PRO A 671 -4.42 4.37 -15.63
CA PRO A 671 -3.53 4.38 -16.80
C PRO A 671 -3.88 5.49 -17.78
N HIS A 672 -4.12 6.69 -17.26
CA HIS A 672 -4.34 7.90 -18.04
C HIS A 672 -3.45 9.00 -17.48
N ASN A 673 -3.20 8.94 -16.19
CA ASN A 673 -2.38 9.91 -15.48
C ASN A 673 -0.90 9.54 -15.50
N VAL A 674 -0.54 8.41 -16.08
CA VAL A 674 0.85 7.99 -16.20
C VAL A 674 1.33 8.49 -17.56
N LEU A 675 2.09 9.59 -17.55
CA LEU A 675 2.57 10.19 -18.79
C LEU A 675 3.94 9.63 -19.14
N LEU A 676 4.14 9.37 -20.43
CA LEU A 676 5.38 8.82 -20.94
C LEU A 676 6.18 9.90 -21.66
N PHE A 677 7.46 10.03 -21.32
CA PHE A 677 8.30 11.01 -21.97
C PHE A 677 9.08 10.44 -23.14
N THR A 678 9.51 9.18 -23.05
CA THR A 678 10.19 8.52 -24.15
C THR A 678 9.98 7.01 -24.05
N LEU A 679 9.87 6.37 -25.21
CA LEU A 679 9.69 4.92 -25.27
C LEU A 679 11.04 4.22 -25.51
N TYR A 680 11.97 4.48 -24.60
CA TYR A 680 13.29 3.86 -24.63
C TYR A 680 13.48 3.05 -23.35
N PRO A 681 13.74 1.75 -23.45
CA PRO A 681 13.89 0.94 -22.22
C PRO A 681 15.00 1.41 -21.29
N ASN A 682 16.05 2.01 -21.83
CA ASN A 682 17.18 2.50 -21.04
C ASN A 682 17.20 4.02 -21.13
N ALA A 683 16.50 4.68 -20.20
CA ALA A 683 16.43 6.13 -20.17
C ALA A 683 16.28 6.59 -18.73
N ALA A 684 16.65 7.85 -18.49
CA ALA A 684 16.61 8.39 -17.13
C ALA A 684 15.18 8.53 -16.64
N ILE A 685 14.30 9.13 -17.44
CA ILE A 685 12.92 9.37 -17.07
C ILE A 685 12.04 8.81 -18.18
N ILE A 686 11.11 7.92 -17.81
CA ILE A 686 10.21 7.30 -18.79
C ILE A 686 8.77 7.65 -18.43
N ALA A 687 8.33 7.21 -17.25
CA ALA A 687 6.97 7.45 -16.80
C ALA A 687 6.93 8.64 -15.85
N LYS A 688 5.72 9.16 -15.66
CA LYS A 688 5.52 10.32 -14.80
C LYS A 688 4.05 10.41 -14.42
N ILE A 689 3.81 10.87 -13.20
CA ILE A 689 2.46 10.97 -12.63
C ILE A 689 1.99 12.42 -12.70
N ALA A 690 0.73 12.62 -13.10
CA ALA A 690 0.17 13.95 -13.24
C ALA A 690 -1.27 13.92 -12.73
N ASP A 691 -1.98 15.04 -12.94
CA ASP A 691 -3.38 15.20 -12.54
C ASP A 691 -3.57 15.03 -11.03
N TYR A 692 -2.94 15.94 -10.28
CA TYR A 692 -3.10 16.00 -8.82
C TYR A 692 -4.34 16.81 -8.44
N GLY A 693 -5.49 16.40 -8.99
CA GLY A 693 -6.71 17.15 -8.77
C GLY A 693 -7.43 16.81 -7.48
N ILE A 694 -7.30 15.58 -7.01
CA ILE A 694 -8.01 15.14 -5.82
C ILE A 694 -7.03 14.58 -4.80
N ALA A 695 -5.80 15.09 -4.81
CA ALA A 695 -4.77 14.66 -3.86
C ALA A 695 -4.86 15.54 -2.62
N GLN A 696 -5.08 14.91 -1.47
CA GLN A 696 -5.20 15.60 -0.21
C GLN A 696 -4.31 14.94 0.83
N TYR A 697 -3.98 15.71 1.88
CA TYR A 697 -3.12 15.20 2.94
C TYR A 697 -3.80 14.04 3.66
N CYS A 698 -3.01 13.02 3.99
CA CYS A 698 -3.49 11.83 4.70
C CYS A 698 -2.53 11.59 5.87
N CYS A 699 -2.82 12.21 7.00
CA CYS A 699 -2.00 12.06 8.20
C CYS A 699 -2.38 10.75 8.91
N ARG A 700 -1.92 10.58 10.14
CA ARG A 700 -2.21 9.37 10.91
C ARG A 700 -3.70 9.20 11.20
N MET A 701 -4.49 10.27 11.11
CA MET A 701 -5.92 10.18 11.35
C MET A 701 -6.70 9.65 10.15
N GLY A 702 -6.06 9.52 8.99
CA GLY A 702 -6.73 9.02 7.82
C GLY A 702 -7.56 10.06 7.10
N ILE A 703 -8.29 9.60 6.10
CA ILE A 703 -9.14 10.45 5.27
C ILE A 703 -10.52 9.80 5.19
N LYS A 704 -11.55 10.61 4.97
CA LYS A 704 -12.92 10.14 5.00
C LYS A 704 -13.65 10.23 3.68
N THR A 705 -13.33 11.20 2.82
CA THR A 705 -14.02 11.34 1.55
C THR A 705 -13.68 10.19 0.62
N SER A 706 -14.56 9.95 -0.35
CA SER A 706 -14.46 8.81 -1.24
C SER A 706 -14.32 9.26 -2.69
N GLU A 707 -13.47 10.24 -2.95
CA GLU A 707 -13.21 10.67 -4.31
C GLU A 707 -12.39 9.61 -5.06
N GLY A 708 -12.55 9.60 -6.37
CA GLY A 708 -11.82 8.66 -7.20
C GLY A 708 -12.52 8.46 -8.52
N THR A 709 -11.96 7.52 -9.30
CA THR A 709 -12.47 7.19 -10.61
C THR A 709 -13.07 5.78 -10.58
N PRO A 710 -14.31 5.60 -11.03
CA PRO A 710 -14.94 4.27 -11.00
C PRO A 710 -14.16 3.26 -11.83
N GLY A 711 -14.04 2.05 -11.29
CA GLY A 711 -13.31 0.98 -11.93
C GLY A 711 -11.86 0.86 -11.51
N PHE A 712 -11.29 1.92 -10.93
CA PHE A 712 -9.91 1.91 -10.47
C PHE A 712 -9.80 2.20 -8.98
N ARG A 713 -10.87 1.99 -8.23
CA ARG A 713 -10.94 2.34 -6.82
C ARG A 713 -10.72 1.11 -5.94
N ALA A 714 -10.09 1.34 -4.79
CA ALA A 714 -9.92 0.30 -3.80
C ALA A 714 -11.29 -0.06 -3.19
N PRO A 715 -11.44 -1.28 -2.67
CA PRO A 715 -12.73 -1.67 -2.08
C PRO A 715 -13.20 -0.76 -0.96
N GLU A 716 -12.28 -0.27 -0.12
CA GLU A 716 -12.68 0.65 0.95
C GLU A 716 -13.11 2.00 0.39
N VAL A 717 -12.52 2.44 -0.71
CA VAL A 717 -12.93 3.69 -1.34
C VAL A 717 -14.32 3.55 -1.93
N ALA A 718 -14.67 2.37 -2.45
CA ALA A 718 -15.98 2.15 -3.05
C ALA A 718 -17.11 2.35 -2.05
N ARG A 719 -16.93 1.83 -0.83
CA ARG A 719 -17.90 2.06 0.23
C ARG A 719 -17.72 3.45 0.83
N GLY A 720 -18.84 4.06 1.21
CA GLY A 720 -18.81 5.42 1.73
C GLY A 720 -19.04 5.52 3.22
N ASN A 721 -18.75 4.44 3.96
CA ASN A 721 -18.99 4.41 5.40
C ASN A 721 -17.75 4.06 6.20
N VAL A 722 -16.56 4.11 5.59
CA VAL A 722 -15.32 3.80 6.28
C VAL A 722 -14.29 4.87 5.94
N ILE A 723 -13.27 4.98 6.81
CA ILE A 723 -12.16 5.89 6.60
C ILE A 723 -10.92 5.05 6.29
N TYR A 724 -10.24 5.39 5.20
CA TYR A 724 -9.12 4.62 4.71
C TYR A 724 -7.81 5.40 4.80
N ASN A 725 -6.71 4.66 4.80
CA ASN A 725 -5.38 5.21 4.92
C ASN A 725 -4.70 5.21 3.55
N GLN A 726 -3.42 5.56 3.53
CA GLN A 726 -2.66 5.66 2.29
C GLN A 726 -2.51 4.33 1.57
N GLN A 727 -2.65 3.20 2.28
CA GLN A 727 -2.53 1.90 1.64
C GLN A 727 -3.68 1.58 0.69
N ALA A 728 -4.76 2.35 0.73
CA ALA A 728 -5.81 2.19 -0.27
C ALA A 728 -5.35 2.58 -1.67
N ASP A 729 -4.27 3.37 -1.75
CA ASP A 729 -3.70 3.75 -3.04
C ASP A 729 -2.88 2.61 -3.65
N VAL A 730 -2.40 1.69 -2.82
CA VAL A 730 -1.62 0.56 -3.33
C VAL A 730 -2.49 -0.36 -4.17
N TYR A 731 -3.75 -0.54 -3.78
CA TYR A 731 -4.68 -1.33 -4.59
C TYR A 731 -4.88 -0.68 -5.96
N SER A 732 -4.94 0.65 -6.01
CA SER A 732 -5.06 1.35 -7.28
C SER A 732 -3.83 1.12 -8.15
N PHE A 733 -2.64 1.09 -7.55
CA PHE A 733 -1.43 0.79 -8.32
C PHE A 733 -1.45 -0.63 -8.84
N GLY A 734 -1.93 -1.58 -8.04
CA GLY A 734 -2.01 -2.96 -8.49
C GLY A 734 -2.91 -3.13 -9.70
N LEU A 735 -4.01 -2.38 -9.75
CA LEU A 735 -4.87 -2.38 -10.94
C LEU A 735 -4.12 -1.83 -12.14
N LEU A 736 -3.33 -0.77 -11.95
CA LEU A 736 -2.50 -0.25 -13.03
C LEU A 736 -1.48 -1.28 -13.48
N LEU A 737 -0.86 -1.98 -12.53
CA LEU A 737 0.08 -3.04 -12.87
C LEU A 737 -0.63 -4.21 -13.53
N TYR A 738 -1.89 -4.45 -13.18
CA TYR A 738 -2.67 -5.48 -13.87
C TYR A 738 -2.93 -5.08 -15.31
N ASP A 739 -3.23 -3.79 -15.56
CA ASP A 739 -3.48 -3.34 -16.92
C ASP A 739 -2.21 -3.39 -17.77
N ILE A 740 -1.06 -3.07 -17.17
CA ILE A 740 0.20 -3.10 -17.90
C ILE A 740 0.51 -4.52 -18.35
N LEU A 741 0.31 -5.51 -17.46
CA LEU A 741 0.60 -6.89 -17.79
C LEU A 741 -0.26 -7.40 -18.94
N THR A 742 -1.55 -7.08 -18.91
CA THR A 742 -2.48 -7.55 -19.94
C THR A 742 -2.57 -6.61 -21.12
N THR A 743 -1.75 -5.57 -21.17
CA THR A 743 -1.74 -4.55 -22.23
C THR A 743 -3.13 -3.94 -22.41
N GLY A 744 -3.73 -3.53 -21.30
CA GLY A 744 -5.02 -2.87 -21.33
C GLY A 744 -6.17 -3.73 -21.81
N GLY A 745 -6.12 -5.03 -21.54
CA GLY A 745 -7.25 -5.88 -21.88
C GLY A 745 -8.48 -5.60 -21.04
N ARG A 746 -8.28 -5.33 -19.75
CA ARG A 746 -9.41 -5.10 -18.84
C ARG A 746 -10.17 -3.84 -19.20
N ILE A 747 -9.45 -2.76 -19.56
CA ILE A 747 -10.09 -1.48 -19.85
C ILE A 747 -11.00 -1.59 -21.06
N VAL A 748 -10.53 -2.27 -22.11
CA VAL A 748 -11.34 -2.45 -23.32
C VAL A 748 -12.59 -3.27 -23.02
N GLU A 749 -12.44 -4.33 -22.23
CA GLU A 749 -13.59 -5.17 -21.86
C GLU A 749 -14.60 -4.39 -21.03
N GLY A 750 -14.13 -3.53 -20.12
CA GLY A 750 -15.02 -2.76 -19.29
C GLY A 750 -15.69 -1.59 -19.98
N LEU A 751 -15.24 -1.23 -21.19
CA LEU A 751 -15.87 -0.14 -21.93
C LEU A 751 -17.27 -0.52 -22.39
N LYS A 752 -17.51 -1.81 -22.65
CA LYS A 752 -18.83 -2.23 -23.10
C LYS A 752 -19.83 -2.23 -21.95
N PHE A 753 -19.40 -2.65 -20.76
CA PHE A 753 -20.28 -2.76 -19.59
C PHE A 753 -19.64 -2.00 -18.43
N PRO A 754 -19.82 -0.68 -18.38
CA PRO A 754 -19.29 0.09 -17.23
C PRO A 754 -19.84 -0.34 -15.88
N ASN A 755 -21.09 -0.82 -15.85
CA ASN A 755 -21.68 -1.26 -14.57
C ASN A 755 -20.93 -2.44 -14.00
N GLU A 756 -20.58 -3.42 -14.84
CA GLU A 756 -19.78 -4.55 -14.37
C GLU A 756 -18.33 -4.16 -14.12
N PHE A 757 -17.86 -3.11 -14.81
CA PHE A 757 -16.48 -2.66 -14.62
C PHE A 757 -16.24 -2.17 -13.19
N ASP A 758 -17.18 -1.40 -12.65
CA ASP A 758 -17.01 -0.88 -11.30
C ASP A 758 -17.23 -1.96 -10.25
N GLU A 759 -18.23 -2.82 -10.45
CA GLU A 759 -18.57 -3.83 -9.45
C GLU A 759 -17.47 -4.88 -9.31
N LEU A 760 -16.91 -5.35 -10.42
CA LEU A 760 -15.92 -6.42 -10.36
C LEU A 760 -14.60 -5.92 -9.77
N GLU A 761 -14.15 -4.73 -10.18
CA GLU A 761 -12.90 -4.18 -9.66
C GLU A 761 -12.99 -3.90 -8.17
N ILE A 762 -14.12 -3.36 -7.71
CA ILE A 762 -14.29 -3.06 -6.30
C ILE A 762 -14.39 -4.35 -5.48
N GLN A 763 -15.05 -5.37 -6.02
CA GLN A 763 -15.22 -6.62 -5.28
C GLN A 763 -13.88 -7.32 -5.06
N GLY A 764 -13.13 -7.53 -6.13
CA GLY A 764 -11.82 -8.17 -6.04
C GLY A 764 -11.73 -9.56 -6.64
N LYS A 765 -12.80 -10.06 -7.25
CA LYS A 765 -12.79 -11.37 -7.90
C LYS A 765 -12.26 -11.27 -9.33
N LEU A 766 -11.07 -10.71 -9.45
CA LEU A 766 -10.48 -10.50 -10.76
C LEU A 766 -9.97 -11.82 -11.35
N PRO A 767 -10.08 -12.00 -12.66
CA PRO A 767 -9.63 -13.25 -13.27
C PRO A 767 -8.11 -13.34 -13.31
N ASP A 768 -7.63 -14.56 -13.55
CA ASP A 768 -6.21 -14.78 -13.72
C ASP A 768 -5.75 -14.14 -15.03
N PRO A 769 -4.70 -13.31 -15.02
CA PRO A 769 -4.36 -12.52 -16.21
C PRO A 769 -3.77 -13.34 -17.35
N VAL A 770 -2.82 -14.23 -17.05
CA VAL A 770 -2.15 -14.99 -18.10
C VAL A 770 -3.10 -16.03 -18.71
N LYS A 771 -4.02 -16.59 -17.92
CA LYS A 771 -4.89 -17.65 -18.42
C LYS A 771 -5.90 -17.12 -19.43
N GLU A 772 -6.53 -15.98 -19.14
CA GLU A 772 -7.65 -15.50 -19.93
C GLU A 772 -7.23 -14.57 -21.07
N TYR A 773 -6.57 -13.46 -20.74
CA TYR A 773 -6.26 -12.45 -21.75
C TYR A 773 -5.14 -12.86 -22.69
N GLY A 774 -4.45 -13.96 -22.42
CA GLY A 774 -3.43 -14.46 -23.33
C GLY A 774 -2.20 -13.59 -23.43
N CYS A 775 -1.44 -13.52 -22.34
CA CYS A 775 -0.20 -12.76 -22.29
C CYS A 775 0.96 -13.69 -21.98
N ALA A 776 2.16 -13.21 -22.26
CA ALA A 776 3.36 -13.96 -21.91
C ALA A 776 3.47 -14.05 -20.40
N PRO A 777 3.77 -15.23 -19.85
CA PRO A 777 3.82 -15.38 -18.38
C PRO A 777 4.90 -14.51 -17.74
N TRP A 778 4.56 -13.94 -16.58
CA TRP A 778 5.48 -13.17 -15.76
C TRP A 778 5.29 -13.65 -14.33
N PRO A 779 6.01 -14.71 -13.93
CA PRO A 779 5.61 -15.49 -12.74
C PRO A 779 5.58 -14.73 -11.43
N MET A 780 6.45 -13.74 -11.24
CA MET A 780 6.52 -13.08 -9.94
C MET A 780 6.28 -11.57 -10.03
N VAL A 781 5.45 -11.15 -10.98
CA VAL A 781 4.63 -9.95 -10.81
C VAL A 781 3.16 -10.32 -10.63
N GLU A 782 2.73 -11.49 -11.13
CA GLU A 782 1.42 -12.02 -10.75
C GLU A 782 1.39 -12.32 -9.25
N LYS A 783 2.54 -12.68 -8.68
CA LYS A 783 2.64 -12.77 -7.23
C LYS A 783 2.49 -11.40 -6.60
N LEU A 784 3.08 -10.37 -7.20
CA LEU A 784 2.96 -9.01 -6.70
C LEU A 784 1.53 -8.49 -6.82
N ILE A 785 0.86 -8.80 -7.94
CA ILE A 785 -0.51 -8.34 -8.15
C ILE A 785 -1.44 -8.98 -7.11
N LYS A 786 -1.35 -10.30 -6.94
CA LYS A 786 -2.20 -10.98 -5.98
C LYS A 786 -1.85 -10.66 -4.53
N GLN A 787 -0.70 -10.01 -4.30
CA GLN A 787 -0.29 -9.64 -2.94
C GLN A 787 -0.73 -8.22 -2.58
N CYS A 788 -0.82 -7.32 -3.57
CA CYS A 788 -1.24 -5.95 -3.34
C CYS A 788 -2.68 -5.70 -3.76
N LEU A 789 -3.46 -6.76 -3.95
CA LEU A 789 -4.89 -6.66 -4.24
C LEU A 789 -5.73 -7.36 -3.18
N LYS A 790 -5.16 -7.61 -2.00
CA LYS A 790 -5.88 -8.30 -0.95
C LYS A 790 -6.98 -7.41 -0.38
N GLU A 791 -8.07 -8.05 0.05
CA GLU A 791 -9.21 -7.30 0.57
C GLU A 791 -8.85 -6.59 1.87
N ASN A 792 -8.07 -7.23 2.73
CA ASN A 792 -7.68 -6.62 3.99
C ASN A 792 -6.59 -5.58 3.74
N PRO A 793 -6.82 -4.31 4.06
CA PRO A 793 -5.81 -3.27 3.77
C PRO A 793 -4.48 -3.49 4.50
N GLN A 794 -4.51 -4.05 5.72
CA GLN A 794 -3.28 -4.25 6.47
C GLN A 794 -2.35 -5.24 5.77
N GLU A 795 -2.92 -6.18 5.01
CA GLU A 795 -2.11 -7.18 4.31
C GLU A 795 -1.49 -6.64 3.03
N ARG A 796 -1.93 -5.47 2.56
CA ARG A 796 -1.33 -4.88 1.36
C ARG A 796 0.05 -4.34 1.69
N PRO A 797 1.03 -4.51 0.79
CA PRO A 797 2.36 -3.93 1.04
C PRO A 797 2.33 -2.42 1.00
N THR A 798 3.21 -1.81 1.79
CA THR A 798 3.35 -0.36 1.75
C THR A 798 4.01 0.06 0.44
N SER A 799 3.82 1.34 0.10
CA SER A 799 4.41 1.87 -1.13
C SER A 799 5.92 1.81 -1.11
N ALA A 800 6.53 1.82 0.07
CA ALA A 800 7.97 1.68 0.18
C ALA A 800 8.44 0.24 -0.01
N GLN A 801 7.55 -0.74 0.15
CA GLN A 801 7.89 -2.14 -0.06
C GLN A 801 7.61 -2.61 -1.48
N VAL A 802 6.62 -2.00 -2.15
CA VAL A 802 6.35 -2.35 -3.54
C VAL A 802 7.52 -1.97 -4.43
N PHE A 803 8.10 -0.79 -4.18
CA PHE A 803 9.27 -0.37 -4.96
C PHE A 803 10.47 -1.27 -4.72
N ASP A 804 10.64 -1.73 -3.47
CA ASP A 804 11.74 -2.66 -3.17
C ASP A 804 11.57 -3.97 -3.93
N ILE A 805 10.33 -4.48 -4.00
CA ILE A 805 10.07 -5.69 -4.77
C ILE A 805 10.33 -5.44 -6.25
N LEU A 806 9.86 -4.30 -6.77
CA LEU A 806 10.06 -3.97 -8.17
C LEU A 806 11.52 -3.62 -8.48
N ASN A 807 12.32 -3.29 -7.47
CA ASN A 807 13.72 -3.01 -7.67
C ASN A 807 14.55 -4.27 -7.87
N SER A 808 13.95 -5.45 -7.68
CA SER A 808 14.68 -6.70 -7.89
C SER A 808 15.01 -6.86 -9.37
N ALA A 809 16.30 -7.04 -9.67
CA ALA A 809 16.74 -7.18 -11.04
C ALA A 809 16.43 -8.55 -11.63
N GLU A 810 16.20 -9.55 -10.79
CA GLU A 810 15.78 -10.86 -11.29
C GLU A 810 14.28 -10.93 -11.55
N LEU A 811 13.53 -9.89 -11.20
CA LEU A 811 12.11 -9.80 -11.55
C LEU A 811 11.89 -9.60 -13.04
N VAL A 812 12.89 -9.09 -13.75
CA VAL A 812 12.72 -8.82 -15.18
C VAL A 812 13.10 -10.03 -16.03
N CYS A 813 14.05 -10.85 -15.58
CA CYS A 813 14.61 -11.92 -16.40
C CYS A 813 14.29 -13.29 -15.84
N LEU A 814 13.04 -13.51 -15.42
CA LEU A 814 12.54 -14.82 -15.03
C LEU A 814 11.24 -15.01 -15.82
N THR A 815 11.36 -15.62 -17.00
CA THR A 815 10.23 -15.65 -17.93
C THR A 815 9.15 -16.62 -17.49
N ARG A 816 9.53 -17.82 -17.04
CA ARG A 816 8.55 -18.85 -16.74
C ARG A 816 8.97 -19.61 -15.49
N ARG A 817 8.02 -20.32 -14.91
CA ARG A 817 8.26 -21.11 -13.70
C ARG A 817 7.19 -22.19 -13.61
N ILE A 818 7.61 -23.45 -13.63
CA ILE A 818 6.70 -24.59 -13.66
C ILE A 818 6.94 -25.43 -12.42
N LEU A 819 5.87 -25.91 -11.81
CA LEU A 819 5.94 -26.82 -10.67
C LEU A 819 5.56 -28.21 -11.14
N LEU A 820 6.48 -29.16 -10.98
CA LEU A 820 6.23 -30.54 -11.35
C LEU A 820 5.29 -31.20 -10.34
N PRO A 821 4.66 -32.32 -10.69
CA PRO A 821 3.77 -33.01 -9.74
C PRO A 821 4.51 -33.42 -8.46
N LYS A 822 3.72 -33.70 -7.43
CA LYS A 822 4.27 -33.96 -6.11
C LYS A 822 5.14 -35.22 -6.08
N ASN A 823 6.27 -35.12 -5.38
CA ASN A 823 7.18 -36.23 -5.10
C ASN A 823 7.71 -36.88 -6.39
N VAL A 824 8.46 -36.09 -7.16
CA VAL A 824 9.20 -36.58 -8.31
C VAL A 824 10.65 -36.14 -8.16
N ILE A 825 11.58 -37.07 -8.38
CA ILE A 825 13.00 -36.80 -8.28
C ILE A 825 13.58 -36.91 -9.68
N VAL A 826 13.74 -35.78 -10.36
CA VAL A 826 14.33 -35.74 -11.69
C VAL A 826 15.78 -35.28 -11.57
N GLU A 827 16.70 -36.10 -12.07
CA GLU A 827 18.13 -35.83 -11.95
C GLU A 827 18.77 -35.36 -13.24
N CYS A 828 18.10 -35.52 -14.38
CA CYS A 828 18.65 -35.11 -15.67
C CYS A 828 17.56 -34.51 -16.53
N MET A 829 17.98 -33.71 -17.50
CA MET A 829 17.05 -33.10 -18.44
C MET A 829 17.80 -32.77 -19.71
N VAL A 830 17.05 -32.54 -20.78
CA VAL A 830 17.59 -32.04 -22.03
C VAL A 830 16.51 -31.23 -22.72
N ALA A 831 16.93 -30.23 -23.49
CA ALA A 831 16.02 -29.35 -24.22
C ALA A 831 16.06 -29.71 -25.69
N THR A 832 14.90 -30.05 -26.25
CA THR A 832 14.81 -30.35 -27.68
C THR A 832 15.16 -29.12 -28.49
N HIS A 833 16.33 -29.12 -29.13
CA HIS A 833 16.86 -27.95 -29.80
C HIS A 833 16.86 -28.20 -31.31
N HIS A 834 15.70 -27.97 -31.92
CA HIS A 834 15.56 -27.88 -33.36
C HIS A 834 15.27 -26.47 -33.83
N ASN A 835 14.91 -25.58 -32.91
CA ASN A 835 14.69 -24.14 -33.08
C ASN A 835 13.45 -23.81 -33.93
N SER A 836 12.77 -24.82 -34.49
CA SER A 836 11.54 -24.58 -35.24
C SER A 836 10.45 -25.61 -35.01
N ARG A 837 10.76 -26.79 -34.47
CA ARG A 837 9.75 -27.85 -34.37
C ARG A 837 8.88 -27.68 -33.13
N ASN A 838 9.48 -27.79 -31.95
CA ASN A 838 8.74 -27.75 -30.69
C ASN A 838 9.68 -27.58 -29.50
N ALA A 839 9.40 -26.59 -28.64
CA ALA A 839 10.15 -26.39 -27.41
C ALA A 839 9.64 -27.33 -26.33
N SER A 840 10.46 -28.29 -25.94
CA SER A 840 10.05 -29.28 -24.95
C SER A 840 11.28 -29.73 -24.16
N ILE A 841 11.03 -30.24 -22.96
CA ILE A 841 12.06 -30.73 -22.06
C ILE A 841 11.79 -32.19 -21.77
N TRP A 842 12.83 -33.02 -21.83
CA TRP A 842 12.72 -34.45 -21.62
C TRP A 842 13.41 -34.79 -20.30
N LEU A 843 12.64 -35.30 -19.34
CA LEU A 843 13.12 -35.48 -17.97
C LEU A 843 13.24 -36.96 -17.63
N GLY A 844 14.38 -37.34 -17.07
CA GLY A 844 14.54 -38.69 -16.54
C GLY A 844 14.25 -38.75 -15.05
N CYS A 845 13.05 -39.19 -14.68
CA CYS A 845 12.67 -39.21 -13.28
C CYS A 845 13.39 -40.34 -12.54
N GLY A 846 13.43 -40.21 -11.21
CA GLY A 846 14.07 -41.21 -10.38
C GLY A 846 13.40 -41.41 -9.02
N HIS A 847 12.14 -40.99 -8.90
CA HIS A 847 11.42 -41.16 -7.64
C HIS A 847 10.96 -42.58 -7.39
N THR A 848 11.13 -43.48 -8.36
CA THR A 848 10.92 -44.90 -8.17
C THR A 848 12.13 -45.65 -8.71
N ASP A 849 12.31 -46.89 -8.24
CA ASP A 849 13.46 -47.68 -8.65
C ASP A 849 13.17 -48.31 -10.02
N ARG A 850 12.80 -47.47 -10.98
CA ARG A 850 12.55 -47.86 -12.36
C ARG A 850 12.53 -46.59 -13.19
N GLY A 851 13.40 -46.50 -14.19
CA GLY A 851 13.53 -45.30 -14.99
C GLY A 851 12.25 -44.83 -15.65
N GLN A 852 11.82 -43.62 -15.31
CA GLN A 852 10.65 -43.00 -15.92
C GLN A 852 11.10 -41.81 -16.74
N LEU A 853 10.88 -41.88 -18.05
CA LEU A 853 11.26 -40.84 -18.98
C LEU A 853 10.04 -39.98 -19.26
N SER A 854 10.10 -38.70 -18.89
CA SER A 854 8.94 -37.83 -18.91
C SER A 854 9.07 -36.77 -20.01
N PHE A 855 7.93 -36.45 -20.62
CA PHE A 855 7.84 -35.40 -21.64
C PHE A 855 7.18 -34.18 -21.03
N LEU A 856 7.82 -33.02 -21.19
CA LEU A 856 7.29 -31.76 -20.68
C LEU A 856 7.13 -30.81 -21.86
N ASP A 857 5.91 -30.34 -22.08
CA ASP A 857 5.63 -29.36 -23.14
C ASP A 857 5.70 -27.97 -22.52
N LEU A 858 6.72 -27.20 -22.91
CA LEU A 858 7.00 -25.94 -22.24
C LEU A 858 5.89 -24.91 -22.41
N ASN A 859 5.37 -24.77 -23.63
CA ASN A 859 4.35 -23.76 -23.90
C ASN A 859 2.95 -24.19 -23.43
N THR A 860 2.81 -25.41 -22.92
CA THR A 860 1.52 -25.94 -22.48
C THR A 860 1.55 -26.46 -21.04
N GLU A 861 2.73 -26.74 -20.48
CA GLU A 861 2.90 -27.31 -19.14
C GLU A 861 2.16 -28.62 -18.98
N GLY A 862 2.20 -29.45 -20.03
CA GLY A 862 1.63 -30.77 -19.97
C GLY A 862 2.67 -31.81 -19.61
N TYR A 863 2.50 -32.46 -18.46
CA TYR A 863 3.49 -33.38 -17.92
C TYR A 863 2.96 -34.81 -18.07
N THR A 864 3.72 -35.66 -18.74
CA THR A 864 3.38 -37.07 -18.89
C THR A 864 4.64 -37.91 -18.71
N SER A 865 4.49 -39.04 -18.03
CA SER A 865 5.61 -39.92 -17.73
C SER A 865 5.44 -41.26 -18.45
N GLU A 866 6.50 -42.07 -18.39
CA GLU A 866 6.50 -43.38 -19.04
C GLU A 866 7.63 -44.22 -18.43
N GLU A 867 7.29 -45.39 -17.90
CA GLU A 867 8.27 -46.30 -17.32
C GLU A 867 8.88 -47.14 -18.45
N VAL A 868 10.15 -46.90 -18.77
CA VAL A 868 10.79 -47.57 -19.89
C VAL A 868 12.05 -48.33 -19.49
N ALA A 869 12.67 -48.04 -18.36
CA ALA A 869 13.92 -48.67 -17.97
C ALA A 869 13.77 -49.41 -16.65
N ASP A 870 14.51 -50.52 -16.53
CA ASP A 870 14.49 -51.31 -15.30
C ASP A 870 15.05 -50.51 -14.12
N SER A 871 16.13 -49.78 -14.33
CA SER A 871 16.79 -48.99 -13.30
C SER A 871 16.67 -47.50 -13.62
N ARG A 872 17.13 -46.69 -12.68
CA ARG A 872 17.06 -45.24 -12.82
C ARG A 872 17.84 -44.76 -14.03
N ILE A 873 17.28 -43.81 -14.76
CA ILE A 873 17.98 -43.17 -15.87
C ILE A 873 18.84 -42.04 -15.33
N LEU A 874 20.13 -42.08 -15.63
CA LEU A 874 21.07 -41.11 -15.07
C LEU A 874 21.14 -39.81 -15.86
N CYS A 875 21.37 -39.91 -17.17
CA CYS A 875 21.50 -38.71 -17.99
C CYS A 875 20.88 -38.97 -19.37
N LEU A 876 20.50 -37.87 -20.02
CA LEU A 876 19.87 -37.90 -21.33
C LEU A 876 20.68 -37.05 -22.30
N ALA A 877 20.46 -37.29 -23.59
CA ALA A 877 21.12 -36.52 -24.63
C ALA A 877 20.34 -36.64 -25.93
N LEU A 878 20.28 -35.54 -26.67
CA LEU A 878 19.56 -35.49 -27.94
C LEU A 878 20.55 -35.56 -29.09
N VAL A 879 20.34 -36.51 -29.99
CA VAL A 879 21.14 -36.64 -31.21
C VAL A 879 20.25 -36.30 -32.40
N HIS A 880 20.74 -35.43 -33.28
CA HIS A 880 19.98 -34.97 -34.43
C HIS A 880 20.74 -35.32 -35.69
N LEU A 881 20.13 -36.16 -36.53
CA LEU A 881 20.72 -36.54 -37.80
C LEU A 881 20.10 -35.70 -38.90
N PRO A 882 20.86 -34.83 -39.57
CA PRO A 882 20.27 -34.04 -40.67
C PRO A 882 19.73 -34.89 -41.81
N VAL A 883 20.32 -36.06 -42.07
CA VAL A 883 19.82 -36.94 -43.11
C VAL A 883 18.48 -37.53 -42.68
N GLU A 884 17.49 -37.44 -43.57
CA GLU A 884 16.13 -37.94 -43.39
C GLU A 884 15.38 -37.26 -42.24
N LYS A 885 15.94 -36.19 -41.68
CA LYS A 885 15.31 -35.40 -40.60
C LYS A 885 14.92 -36.28 -39.41
N GLU A 886 15.80 -37.22 -39.06
CA GLU A 886 15.56 -38.13 -37.95
C GLU A 886 16.10 -37.54 -36.66
N SER A 887 15.27 -37.59 -35.62
CA SER A 887 15.63 -37.08 -34.29
C SER A 887 15.49 -38.21 -33.29
N TRP A 888 16.53 -38.43 -32.48
CA TRP A 888 16.54 -39.50 -31.50
C TRP A 888 17.09 -38.97 -30.18
N ILE A 889 16.71 -39.64 -29.10
CA ILE A 889 17.20 -39.33 -27.76
C ILE A 889 17.74 -40.61 -27.14
N VAL A 890 18.90 -40.50 -26.49
CA VAL A 890 19.55 -41.64 -25.86
C VAL A 890 19.40 -41.51 -24.35
N SER A 891 19.36 -42.66 -23.67
CA SER A 891 19.20 -42.70 -22.23
C SER A 891 20.32 -43.53 -21.62
N GLY A 892 20.67 -43.21 -20.38
CA GLY A 892 21.67 -43.96 -19.65
C GLY A 892 21.17 -44.47 -18.32
N THR A 893 21.13 -45.79 -18.16
CA THR A 893 20.58 -46.41 -16.96
C THR A 893 21.69 -46.89 -16.03
N GLN A 894 21.34 -47.01 -14.75
CA GLN A 894 22.29 -47.52 -13.76
C GLN A 894 22.62 -48.98 -14.01
N SER A 895 21.69 -49.74 -14.59
CA SER A 895 21.95 -51.14 -14.92
C SER A 895 23.08 -51.27 -15.93
N GLY A 896 23.09 -50.40 -16.95
CA GLY A 896 24.14 -50.43 -17.94
C GLY A 896 23.62 -50.32 -19.36
N THR A 897 22.31 -50.46 -19.53
CA THR A 897 21.71 -50.40 -20.86
C THR A 897 21.74 -48.95 -21.38
N LEU A 898 21.44 -48.82 -22.67
CA LEU A 898 21.44 -47.51 -23.33
C LEU A 898 20.19 -47.47 -24.22
N LEU A 899 19.10 -46.93 -23.67
CA LEU A 899 17.83 -46.86 -24.37
C LEU A 899 17.87 -45.75 -25.42
N VAL A 900 17.32 -46.04 -26.60
CA VAL A 900 17.21 -45.07 -27.69
C VAL A 900 15.77 -45.09 -28.18
N ILE A 901 15.11 -43.94 -28.15
CA ILE A 901 13.75 -43.78 -28.65
C ILE A 901 13.68 -42.51 -29.49
N ASN A 902 12.89 -42.56 -30.56
CA ASN A 902 12.72 -41.40 -31.42
C ASN A 902 11.96 -40.30 -30.69
N THR A 903 12.32 -39.06 -31.00
CA THR A 903 11.66 -37.91 -30.37
C THR A 903 10.17 -37.85 -30.74
N GLU A 904 9.84 -38.09 -32.01
CA GLU A 904 8.46 -38.04 -32.46
C GLU A 904 7.78 -39.40 -32.35
N ASP A 905 8.37 -40.42 -32.98
CA ASP A 905 7.81 -41.76 -32.94
C ASP A 905 7.98 -42.37 -31.55
N GLY A 906 6.88 -42.89 -31.00
CA GLY A 906 6.91 -43.50 -29.70
C GLY A 906 7.12 -45.00 -29.68
N LYS A 907 7.25 -45.61 -30.86
CA LYS A 907 7.44 -47.05 -31.00
C LYS A 907 8.72 -47.36 -31.77
N LYS A 908 9.80 -46.65 -31.46
CA LYS A 908 11.08 -46.83 -32.10
C LYS A 908 12.17 -47.21 -31.09
N ARG A 909 11.79 -47.87 -30.00
CA ARG A 909 12.75 -48.26 -28.98
C ARG A 909 13.69 -49.33 -29.49
N HIS A 910 14.99 -49.13 -29.28
CA HIS A 910 15.99 -50.17 -29.53
C HIS A 910 17.20 -49.88 -28.67
N THR A 911 17.56 -50.84 -27.83
CA THR A 911 18.66 -50.69 -26.88
C THR A 911 19.97 -51.12 -27.54
N LEU A 912 21.08 -50.61 -27.02
CA LEU A 912 22.40 -51.01 -27.47
C LEU A 912 23.00 -51.98 -26.46
N GLU A 913 24.22 -52.43 -26.72
CA GLU A 913 24.87 -53.36 -25.81
C GLU A 913 25.22 -52.65 -24.51
N LYS A 914 25.07 -53.36 -23.40
CA LYS A 914 25.24 -52.76 -22.08
C LYS A 914 26.72 -52.60 -21.73
N MET A 915 27.09 -51.42 -21.22
CA MET A 915 28.42 -51.19 -20.69
C MET A 915 28.71 -52.13 -19.50
N THR A 916 29.97 -52.14 -19.09
CA THR A 916 30.36 -52.93 -17.93
C THR A 916 29.69 -52.43 -16.65
N ASP A 917 29.46 -51.12 -16.54
CA ASP A 917 28.90 -50.54 -15.33
C ASP A 917 27.92 -49.45 -15.76
N SER A 918 27.51 -48.61 -14.80
CA SER A 918 26.51 -47.58 -15.06
C SER A 918 27.03 -46.54 -16.04
N VAL A 919 26.08 -45.88 -16.72
CA VAL A 919 26.36 -44.83 -17.69
C VAL A 919 25.90 -43.51 -17.09
N THR A 920 26.77 -42.51 -17.10
CA THR A 920 26.49 -41.28 -16.38
C THR A 920 26.46 -40.02 -17.27
N CYS A 921 27.19 -39.99 -18.38
CA CYS A 921 27.19 -38.82 -19.25
C CYS A 921 27.14 -39.24 -20.71
N LEU A 922 26.34 -38.53 -21.50
CA LEU A 922 26.10 -38.88 -22.90
C LEU A 922 26.29 -37.69 -23.83
N TYR A 923 27.13 -36.72 -23.45
CA TYR A 923 27.23 -35.46 -24.20
C TYR A 923 27.59 -35.71 -25.66
N CYS A 924 26.85 -35.05 -26.56
CA CYS A 924 26.96 -35.26 -28.00
C CYS A 924 27.40 -33.98 -28.69
N ASN A 925 28.48 -34.06 -29.47
CA ASN A 925 28.96 -32.93 -30.25
C ASN A 925 29.74 -33.45 -31.43
N SER A 926 29.90 -32.58 -32.43
CA SER A 926 30.58 -32.91 -33.67
C SER A 926 31.86 -32.10 -33.82
N PHE A 927 32.88 -32.73 -34.39
CA PHE A 927 34.17 -32.07 -34.62
C PHE A 927 34.06 -31.06 -35.76
N GLN A 933 31.90 -31.74 -39.11
CA GLN A 933 32.56 -32.97 -39.53
C GLN A 933 31.63 -34.17 -39.35
N LYS A 934 31.96 -35.01 -38.37
CA LYS A 934 31.19 -36.21 -38.08
C LYS A 934 30.59 -36.09 -36.69
N ASN A 935 29.29 -36.37 -36.57
CA ASN A 935 28.61 -36.32 -35.28
C ASN A 935 28.99 -37.54 -34.46
N PHE A 936 29.43 -37.31 -33.22
CA PHE A 936 29.87 -38.36 -32.32
C PHE A 936 29.05 -38.30 -31.03
N LEU A 937 28.78 -39.47 -30.45
CA LEU A 937 28.05 -39.58 -29.19
C LEU A 937 29.00 -40.11 -28.12
N LEU A 938 29.60 -39.19 -27.36
CA LEU A 938 30.48 -39.58 -26.27
C LEU A 938 29.69 -40.31 -25.20
N VAL A 939 30.25 -41.39 -24.67
CA VAL A 939 29.60 -42.19 -23.65
C VAL A 939 30.50 -42.21 -22.42
N GLY A 940 29.98 -41.73 -21.29
CA GLY A 940 30.73 -41.76 -20.05
C GLY A 940 30.28 -42.86 -19.11
N THR A 941 31.04 -43.96 -19.05
CA THR A 941 30.68 -45.07 -18.18
C THR A 941 31.30 -44.85 -16.80
N ALA A 942 30.60 -45.31 -15.77
CA ALA A 942 30.98 -45.08 -14.38
C ALA A 942 32.27 -45.79 -13.94
N ASP A 943 32.94 -46.53 -14.82
CA ASP A 943 34.21 -47.17 -14.45
C ASP A 943 35.40 -46.56 -15.20
N GLY A 944 35.32 -45.27 -15.52
CA GLY A 944 36.39 -44.58 -16.23
C GLY A 944 36.69 -45.16 -17.59
N LYS A 945 35.66 -45.52 -18.36
CA LYS A 945 35.83 -46.16 -19.65
C LYS A 945 34.95 -45.42 -20.66
N LEU A 946 35.58 -44.63 -21.53
CA LEU A 946 34.86 -43.81 -22.49
C LEU A 946 34.84 -44.52 -23.83
N ALA A 947 33.69 -45.08 -24.19
CA ALA A 947 33.51 -45.80 -25.45
C ALA A 947 32.77 -44.89 -26.43
N ILE A 948 33.51 -44.37 -27.42
CA ILE A 948 32.88 -43.52 -28.43
C ILE A 948 31.95 -44.36 -29.31
N PHE A 949 30.79 -43.79 -29.63
CA PHE A 949 29.81 -44.43 -30.49
C PHE A 949 29.42 -43.46 -31.59
N GLU A 950 29.16 -44.00 -32.78
CA GLU A 950 28.90 -43.18 -33.96
C GLU A 950 27.43 -42.79 -34.00
N ASP A 951 27.18 -41.51 -34.26
CA ASP A 951 25.80 -41.02 -34.35
C ASP A 951 25.07 -41.65 -35.53
N LYS A 952 25.76 -41.87 -36.65
CA LYS A 952 25.13 -42.51 -37.79
C LYS A 952 24.80 -43.99 -37.54
N THR A 953 25.36 -44.58 -36.48
CA THR A 953 25.14 -45.98 -36.14
C THR A 953 23.99 -46.19 -35.16
N VAL A 954 23.28 -45.12 -34.75
CA VAL A 954 22.19 -45.29 -33.80
C VAL A 954 20.99 -45.99 -34.42
N LYS A 955 20.87 -45.98 -35.75
CA LYS A 955 19.74 -46.64 -36.40
C LYS A 955 19.77 -48.15 -36.22
N LEU A 956 20.96 -48.73 -36.11
CA LEU A 956 21.08 -50.18 -35.92
C LEU A 956 20.55 -50.57 -34.55
N LYS A 957 19.78 -51.66 -34.51
CA LYS A 957 19.22 -52.19 -33.27
C LYS A 957 20.28 -53.05 -32.58
N GLY A 958 21.16 -52.38 -31.85
CA GLY A 958 22.29 -53.05 -31.23
C GLY A 958 23.55 -52.95 -32.07
N ALA A 959 24.56 -52.25 -31.57
CA ALA A 959 25.80 -52.04 -32.29
C ALA A 959 26.95 -52.09 -31.30
N ALA A 960 28.15 -51.77 -31.76
CA ALA A 960 29.34 -51.80 -30.93
C ALA A 960 30.06 -50.47 -30.98
N PRO A 961 30.75 -50.09 -29.89
CA PRO A 961 31.51 -48.84 -29.89
C PRO A 961 32.61 -48.84 -30.93
N LEU A 962 32.85 -47.66 -31.51
CA LEU A 962 33.87 -47.55 -32.56
C LEU A 962 35.26 -47.84 -32.02
N LYS A 963 35.65 -47.15 -30.94
CA LYS A 963 36.95 -47.37 -30.29
C LYS A 963 36.80 -47.08 -28.80
N ILE A 964 36.92 -48.11 -27.97
CA ILE A 964 36.69 -48.00 -26.53
C ILE A 964 37.99 -47.49 -25.91
N LEU A 965 38.03 -46.22 -25.55
CA LEU A 965 39.20 -45.60 -24.93
C LEU A 965 39.12 -45.72 -23.41
N ASN A 966 40.27 -45.91 -22.79
CA ASN A 966 40.38 -46.09 -21.35
C ASN A 966 41.06 -44.87 -20.74
N ILE A 967 40.46 -44.34 -19.68
CA ILE A 967 41.01 -43.17 -19.00
C ILE A 967 41.36 -43.52 -17.56
N GLY A 968 40.63 -44.47 -16.97
CA GLY A 968 40.87 -44.83 -15.59
C GLY A 968 40.25 -46.16 -15.25
N ASN A 969 40.47 -46.58 -14.01
CA ASN A 969 39.99 -47.87 -13.52
C ASN A 969 38.56 -47.73 -13.01
N VAL A 970 38.04 -48.80 -12.40
CA VAL A 970 36.67 -48.81 -11.91
C VAL A 970 36.48 -47.85 -10.75
N SER A 971 37.49 -47.69 -9.89
CA SER A 971 37.38 -46.83 -8.72
C SER A 971 37.19 -45.37 -9.07
N THR A 972 37.62 -44.94 -10.25
CA THR A 972 37.51 -43.55 -10.65
C THR A 972 36.35 -43.38 -11.62
N PRO A 973 35.26 -42.71 -11.22
CA PRO A 973 34.17 -42.48 -12.15
C PRO A 973 34.53 -41.42 -13.19
N LEU A 974 33.90 -41.51 -14.35
CA LEU A 974 34.11 -40.61 -15.47
C LEU A 974 32.77 -39.96 -15.78
N MET A 975 32.54 -38.79 -15.17
CA MET A 975 31.24 -38.13 -15.22
C MET A 975 31.39 -36.62 -15.38
N CYS A 976 32.36 -36.20 -16.18
CA CYS A 976 32.71 -34.79 -16.29
C CYS A 976 32.92 -34.36 -17.74
N LEU A 977 32.05 -34.80 -18.63
CA LEU A 977 32.20 -34.46 -20.04
C LEU A 977 31.90 -32.98 -20.29
N SER A 978 32.57 -32.41 -21.27
CA SER A 978 32.38 -31.01 -21.66
C SER A 978 32.97 -30.79 -23.04
N GLU A 979 32.92 -29.53 -23.49
CA GLU A 979 33.45 -29.15 -24.79
C GLU A 979 33.95 -27.72 -24.73
N SER A 980 34.71 -27.32 -25.75
CA SER A 980 35.29 -25.99 -25.82
C SER A 980 34.49 -25.12 -26.78
N THR A 981 34.04 -23.96 -26.30
CA THR A 981 33.24 -23.03 -27.08
C THR A 981 34.01 -21.80 -27.53
N ASN A 982 35.32 -21.76 -27.36
CA ASN A 982 36.12 -20.59 -27.67
C ASN A 982 36.74 -20.70 -29.05
N SER A 983 36.54 -19.66 -29.86
CA SER A 983 37.13 -19.54 -31.21
C SER A 983 36.73 -20.70 -32.12
N THR A 984 35.58 -21.31 -31.84
CA THR A 984 35.05 -22.46 -32.59
C THR A 984 36.08 -23.59 -32.66
N GLU A 985 36.82 -23.77 -31.58
CA GLU A 985 37.86 -24.80 -31.50
C GLU A 985 37.23 -26.13 -31.11
N ARG A 986 36.50 -26.70 -32.07
CA ARG A 986 35.87 -27.99 -31.86
C ARG A 986 36.86 -29.13 -32.10
N ASN A 987 38.01 -29.07 -31.42
CA ASN A 987 39.05 -30.09 -31.53
C ASN A 987 39.32 -30.79 -30.21
N VAL A 988 39.53 -30.04 -29.13
CA VAL A 988 39.83 -30.61 -27.82
C VAL A 988 38.54 -30.60 -27.00
N MET A 989 38.29 -31.71 -26.31
CA MET A 989 37.09 -31.88 -25.49
C MET A 989 37.54 -32.25 -24.07
N TRP A 990 37.78 -31.22 -23.24
CA TRP A 990 38.28 -31.45 -21.89
C TRP A 990 37.22 -32.17 -21.05
N GLY A 991 37.66 -33.21 -20.35
CA GLY A 991 36.78 -33.96 -19.47
C GLY A 991 37.37 -34.12 -18.08
N GLY A 992 36.83 -35.08 -17.31
CA GLY A 992 37.38 -35.38 -16.01
C GLY A 992 37.01 -36.77 -15.53
N CYS A 993 38.00 -37.53 -15.08
CA CYS A 993 37.79 -38.88 -14.57
C CYS A 993 38.31 -38.94 -13.13
N GLY A 994 37.42 -39.29 -12.20
CA GLY A 994 37.78 -39.34 -10.80
C GLY A 994 38.26 -38.00 -10.28
N THR A 995 39.55 -37.90 -9.99
CA THR A 995 40.19 -36.65 -9.62
C THR A 995 41.31 -36.36 -10.61
N LYS A 996 41.02 -36.57 -11.89
CA LYS A 996 41.98 -36.36 -12.96
C LYS A 996 41.29 -35.62 -14.10
N ILE A 997 42.09 -34.91 -14.90
CA ILE A 997 41.62 -34.16 -16.06
C ILE A 997 42.12 -34.85 -17.32
N PHE A 998 41.22 -35.12 -18.26
CA PHE A 998 41.60 -35.77 -19.50
C PHE A 998 41.04 -34.99 -20.69
N SER A 999 41.65 -35.22 -21.84
CA SER A 999 41.24 -34.59 -23.08
C SER A 999 41.42 -35.58 -24.23
N PHE A 1000 40.77 -35.27 -25.35
CA PHE A 1000 40.94 -36.07 -26.57
C PHE A 1000 40.53 -35.23 -27.76
N SER A 1001 40.97 -35.67 -28.94
CA SER A 1001 40.68 -34.94 -30.18
C SER A 1001 40.18 -35.91 -31.24
N ASN A 1002 40.08 -35.43 -32.49
CA ASN A 1002 39.69 -36.31 -33.60
C ASN A 1002 40.64 -37.47 -33.77
N ASP A 1003 41.91 -37.31 -33.36
CA ASP A 1003 42.86 -38.42 -33.34
C ASP A 1003 42.57 -39.43 -32.23
N PHE A 1004 41.65 -39.10 -31.30
CA PHE A 1004 41.25 -39.98 -30.20
C PHE A 1004 42.44 -40.39 -29.34
N THR A 1005 43.32 -39.43 -29.06
CA THR A 1005 44.47 -39.63 -28.21
C THR A 1005 44.41 -38.67 -27.01
N ILE A 1006 44.90 -39.14 -25.87
CA ILE A 1006 44.90 -38.35 -24.64
C ILE A 1006 46.08 -37.38 -24.70
N GLN A 1007 45.81 -36.10 -24.93
CA GLN A 1007 46.88 -35.11 -24.99
C GLN A 1007 47.33 -34.65 -23.61
N LYS A 1008 46.52 -34.86 -22.57
CA LYS A 1008 46.89 -34.39 -21.24
C LYS A 1008 46.16 -35.22 -20.19
N LEU A 1009 46.87 -35.53 -19.11
CA LEU A 1009 46.28 -36.21 -17.94
C LEU A 1009 46.83 -35.49 -16.72
N ILE A 1010 46.03 -34.58 -16.17
CA ILE A 1010 46.47 -33.66 -15.12
C ILE A 1010 45.94 -34.13 -13.78
N GLU A 1011 46.83 -34.23 -12.80
CA GLU A 1011 46.44 -34.66 -11.46
C GLU A 1011 45.87 -33.49 -10.67
N THR A 1012 44.84 -33.77 -9.87
CA THR A 1012 44.14 -32.74 -9.11
C THR A 1012 44.08 -33.05 -7.61
N ARG A 1013 44.38 -34.29 -7.20
CA ARG A 1013 44.22 -34.71 -5.80
C ARG A 1013 45.09 -33.87 -4.86
N THR A 1014 46.26 -33.45 -5.31
CA THR A 1014 47.18 -32.72 -4.43
C THR A 1014 46.82 -31.25 -4.38
N SER A 1015 46.83 -30.68 -3.18
CA SER A 1015 46.55 -29.27 -2.96
C SER A 1015 47.83 -28.54 -2.58
N GLN A 1016 48.15 -27.46 -3.29
CA GLN A 1016 49.35 -26.70 -3.01
C GLN A 1016 49.30 -26.04 -1.64
N LEU A 1017 48.15 -25.48 -1.27
CA LEU A 1017 48.03 -24.78 0.00
C LEU A 1017 48.00 -25.72 1.20
N PHE A 1018 47.61 -26.97 1.00
CA PHE A 1018 47.52 -28.02 2.02
C PHE A 1018 46.49 -27.71 3.12
N SER A 1019 45.70 -26.65 2.96
CA SER A 1019 44.65 -26.30 3.91
C SER A 1019 43.25 -26.56 3.36
N TYR A 1020 43.03 -26.27 2.08
CA TYR A 1020 41.76 -26.58 1.41
C TYR A 1020 41.76 -27.96 0.77
N ALA A 1021 42.64 -28.86 1.21
CA ALA A 1021 42.71 -30.20 0.63
C ALA A 1021 41.49 -31.04 0.96
N ALA A 1022 40.80 -30.74 2.07
CA ALA A 1022 39.61 -31.51 2.44
C ALA A 1022 38.53 -31.42 1.37
N PHE A 1023 38.30 -30.23 0.85
CA PHE A 1023 37.36 -30.02 -0.25
C PHE A 1023 37.99 -30.22 -1.62
N SER A 1024 39.29 -30.53 -1.67
CA SER A 1024 39.97 -30.88 -2.90
C SER A 1024 40.26 -32.38 -3.01
N ASP A 1025 39.77 -33.18 -2.07
CA ASP A 1025 40.00 -34.61 -2.04
C ASP A 1025 38.75 -35.40 -2.44
N SER A 1026 37.90 -34.80 -3.27
CA SER A 1026 36.68 -35.43 -3.75
C SER A 1026 36.73 -35.55 -5.26
N ASN A 1027 35.93 -36.46 -5.80
CA ASN A 1027 35.91 -36.66 -7.24
C ASN A 1027 35.20 -35.51 -7.95
N ILE A 1028 35.56 -35.31 -9.22
CA ILE A 1028 35.14 -34.14 -9.99
C ILE A 1028 33.67 -34.29 -10.40
N ILE A 1029 33.00 -33.15 -10.61
CA ILE A 1029 31.59 -33.12 -11.00
C ILE A 1029 31.43 -32.58 -12.42
N THR A 1030 31.82 -31.33 -12.65
CA THR A 1030 31.58 -30.69 -13.94
C THR A 1030 32.72 -29.72 -14.24
N VAL A 1031 32.98 -29.52 -15.53
CA VAL A 1031 34.02 -28.61 -16.00
C VAL A 1031 33.46 -27.75 -17.12
N VAL A 1032 33.77 -26.46 -17.09
CA VAL A 1032 33.43 -25.53 -18.16
C VAL A 1032 34.69 -24.76 -18.55
N VAL A 1033 34.89 -24.62 -19.86
CA VAL A 1033 36.11 -24.01 -20.38
C VAL A 1033 35.75 -22.85 -21.31
N ASP A 1034 36.29 -21.67 -21.03
CA ASP A 1034 36.31 -20.55 -21.95
C ASP A 1034 37.73 -20.15 -22.32
N THR A 1035 38.58 -19.90 -21.33
CA THR A 1035 40.01 -19.74 -21.52
C THR A 1035 40.82 -20.56 -20.53
N ALA A 1036 40.21 -20.97 -19.40
CA ALA A 1036 40.87 -21.81 -18.42
C ALA A 1036 39.92 -22.95 -18.04
N LEU A 1037 40.27 -23.71 -17.00
CA LEU A 1037 39.47 -24.85 -16.57
C LEU A 1037 38.87 -24.57 -15.21
N TYR A 1038 37.57 -24.76 -15.08
CA TYR A 1038 36.86 -24.60 -13.81
C TYR A 1038 36.43 -25.98 -13.32
N ILE A 1039 36.82 -26.31 -12.09
CA ILE A 1039 36.68 -27.66 -11.56
C ILE A 1039 35.75 -27.64 -10.35
N ALA A 1040 34.74 -28.49 -10.38
CA ALA A 1040 33.81 -28.64 -9.27
C ALA A 1040 33.87 -30.07 -8.74
N LYS A 1041 33.80 -30.20 -7.42
CA LYS A 1041 33.90 -31.50 -6.75
C LYS A 1041 32.73 -31.67 -5.80
N GLN A 1042 32.46 -32.92 -5.43
CA GLN A 1042 31.38 -33.22 -4.50
C GLN A 1042 31.67 -32.60 -3.14
N ASN A 1043 30.65 -31.93 -2.58
CA ASN A 1043 30.72 -31.29 -1.27
C ASN A 1043 31.91 -30.35 -1.18
N SER A 1044 32.17 -29.63 -2.27
CA SER A 1044 33.32 -28.73 -2.36
C SER A 1044 32.83 -27.30 -2.52
N PRO A 1045 32.80 -26.50 -1.45
CA PRO A 1045 32.42 -25.08 -1.58
C PRO A 1045 33.41 -24.24 -2.38
N VAL A 1046 34.47 -24.83 -2.93
CA VAL A 1046 35.45 -24.08 -3.71
C VAL A 1046 35.44 -24.60 -5.14
N VAL A 1047 35.74 -23.71 -6.08
CA VAL A 1047 35.90 -24.04 -7.48
C VAL A 1047 37.32 -23.66 -7.89
N GLU A 1048 37.98 -24.55 -8.61
CA GLU A 1048 39.39 -24.42 -8.94
C GLU A 1048 39.58 -23.97 -10.38
N VAL A 1049 40.36 -22.92 -10.58
CA VAL A 1049 40.65 -22.40 -11.91
C VAL A 1049 42.03 -22.90 -12.32
N TRP A 1050 42.09 -23.70 -13.39
CA TRP A 1050 43.33 -24.27 -13.87
C TRP A 1050 43.63 -23.77 -15.28
N ASP A 1051 44.88 -23.41 -15.52
CA ASP A 1051 45.33 -22.95 -16.83
C ASP A 1051 45.69 -24.16 -17.70
N LYS A 1052 45.20 -24.16 -18.93
CA LYS A 1052 45.43 -25.27 -19.84
C LYS A 1052 46.82 -25.27 -20.45
N LYS A 1053 47.63 -24.24 -20.21
CA LYS A 1053 48.98 -24.14 -20.75
C LYS A 1053 50.05 -24.46 -19.72
N THR A 1054 49.86 -24.05 -18.47
CA THR A 1054 50.82 -24.30 -17.40
C THR A 1054 50.45 -25.49 -16.53
N GLU A 1055 49.23 -26.03 -16.67
CA GLU A 1055 48.73 -27.15 -15.87
C GLU A 1055 48.90 -26.91 -14.37
N LYS A 1056 48.57 -25.69 -13.94
CA LYS A 1056 48.62 -25.32 -12.53
C LYS A 1056 47.36 -24.56 -12.17
N LEU A 1057 46.92 -24.73 -10.93
CA LEU A 1057 45.70 -24.07 -10.45
C LEU A 1057 45.95 -22.59 -10.28
N CYS A 1058 45.36 -21.78 -11.17
CA CYS A 1058 45.58 -20.33 -11.11
C CYS A 1058 44.82 -19.69 -9.95
N GLY A 1059 43.57 -20.09 -9.75
CA GLY A 1059 42.74 -19.47 -8.74
C GLY A 1059 41.87 -20.50 -8.04
N LEU A 1060 41.45 -20.13 -6.83
CA LEU A 1060 40.58 -20.97 -6.00
C LEU A 1060 39.49 -20.06 -5.46
N ILE A 1061 38.35 -20.04 -6.13
CA ILE A 1061 37.22 -19.18 -5.75
C ILE A 1061 36.39 -19.91 -4.69
N ASP A 1062 36.26 -19.29 -3.52
CA ASP A 1062 35.50 -19.88 -2.42
C ASP A 1062 34.07 -19.37 -2.49
N CYS A 1063 33.12 -20.27 -2.74
CA CYS A 1063 31.72 -19.88 -2.84
C CYS A 1063 31.18 -19.40 -1.50
N VAL A 1064 31.51 -20.09 -0.40
CA VAL A 1064 31.00 -19.71 0.91
C VAL A 1064 31.50 -18.33 1.33
N HIS A 1065 32.64 -17.89 0.77
CA HIS A 1065 33.12 -16.53 1.01
C HIS A 1065 32.13 -15.51 0.49
N PHE A 1066 31.56 -15.74 -0.70
CA PHE A 1066 30.58 -14.82 -1.25
C PHE A 1066 29.23 -14.96 -0.56
N LEU A 1067 28.91 -16.13 -0.01
CA LEU A 1067 27.65 -16.30 0.70
C LEU A 1067 27.71 -15.83 2.14
N ARG A 1068 28.91 -15.53 2.66
CA ARG A 1068 29.05 -15.08 4.05
C ARG A 1068 28.35 -13.75 4.28
N GLU A 1069 28.24 -12.91 3.24
CA GLU A 1069 27.62 -11.61 3.40
C GLU A 1069 26.10 -11.72 3.56
N VAL A 1070 25.48 -12.73 2.96
CA VAL A 1070 24.03 -12.86 3.00
C VAL A 1070 23.55 -13.81 4.09
N THR A 1071 24.41 -14.66 4.64
CA THR A 1071 24.00 -15.59 5.69
C THR A 1071 24.23 -15.01 7.07
N SER A 1083 27.86 -28.70 7.67
CA SER A 1083 28.31 -27.44 8.21
C SER A 1083 27.57 -26.27 7.55
N TYR A 1084 27.69 -26.18 6.22
CA TYR A 1084 27.05 -25.12 5.46
C TYR A 1084 26.51 -25.68 4.16
N SER A 1085 25.46 -25.04 3.66
CA SER A 1085 24.86 -25.40 2.37
C SER A 1085 25.44 -24.50 1.28
N GLY A 1086 26.72 -24.71 0.99
CA GLY A 1086 27.41 -23.93 -0.01
C GLY A 1086 28.15 -24.77 -1.03
N ARG A 1087 27.55 -25.89 -1.43
CA ARG A 1087 28.18 -26.81 -2.36
C ARG A 1087 28.26 -26.19 -3.76
N VAL A 1088 28.83 -26.94 -4.70
CA VAL A 1088 28.80 -26.60 -6.11
C VAL A 1088 28.28 -27.84 -6.84
N LYS A 1089 26.96 -27.90 -7.05
CA LYS A 1089 26.35 -29.08 -7.64
C LYS A 1089 26.17 -28.95 -9.15
N THR A 1090 26.20 -27.74 -9.68
CA THR A 1090 26.11 -27.53 -11.11
C THR A 1090 26.84 -26.24 -11.46
N LEU A 1091 27.25 -26.14 -12.72
CA LEU A 1091 28.07 -25.01 -13.16
C LEU A 1091 27.86 -24.80 -14.65
N CYS A 1092 27.44 -23.60 -15.02
CA CYS A 1092 27.25 -23.23 -16.42
C CYS A 1092 27.95 -21.92 -16.69
N LEU A 1093 28.63 -21.83 -17.83
CA LEU A 1093 29.43 -20.67 -18.21
C LEU A 1093 28.82 -20.01 -19.43
N GLN A 1094 28.29 -18.79 -19.25
CA GLN A 1094 27.82 -18.00 -20.38
C GLN A 1094 29.01 -17.63 -21.25
N LYS A 1095 28.73 -17.38 -22.54
CA LYS A 1095 29.73 -17.26 -23.60
C LYS A 1095 30.95 -16.42 -23.24
N ASN A 1096 30.75 -15.10 -23.03
CA ASN A 1096 31.88 -14.24 -22.70
C ASN A 1096 31.53 -13.18 -21.66
N THR A 1097 30.45 -13.37 -20.89
CA THR A 1097 29.98 -12.32 -19.99
C THR A 1097 30.15 -12.69 -18.52
N ALA A 1098 29.57 -13.81 -18.08
CA ALA A 1098 29.55 -14.14 -16.66
C ALA A 1098 29.50 -15.64 -16.48
N LEU A 1099 29.76 -16.07 -15.25
CA LEU A 1099 29.78 -17.48 -14.87
C LEU A 1099 28.63 -17.76 -13.90
N TRP A 1100 27.79 -18.73 -14.25
CA TRP A 1100 26.65 -19.13 -13.43
C TRP A 1100 27.07 -20.32 -12.58
N ILE A 1101 27.19 -20.10 -11.27
CA ILE A 1101 27.50 -21.17 -10.32
C ILE A 1101 26.24 -21.48 -9.52
N GLY A 1102 25.89 -22.76 -9.43
CA GLY A 1102 24.72 -23.15 -8.68
C GLY A 1102 25.05 -23.92 -7.43
N THR A 1103 24.69 -23.39 -6.28
CA THR A 1103 24.98 -24.05 -5.00
C THR A 1103 23.91 -25.05 -4.65
N GLY A 1104 24.26 -25.97 -3.74
CA GLY A 1104 23.31 -26.96 -3.28
C GLY A 1104 22.28 -26.44 -2.29
N GLY A 1105 22.47 -25.22 -1.79
CA GLY A 1105 21.53 -24.60 -0.89
C GLY A 1105 20.45 -23.78 -1.54
N GLY A 1106 20.34 -23.83 -2.86
CA GLY A 1106 19.37 -23.03 -3.59
C GLY A 1106 19.87 -21.70 -4.09
N HIS A 1107 21.14 -21.38 -3.89
CA HIS A 1107 21.70 -20.11 -4.33
C HIS A 1107 22.23 -20.23 -5.74
N ILE A 1108 22.26 -19.10 -6.44
CA ILE A 1108 22.85 -19.00 -7.77
C ILE A 1108 23.85 -17.86 -7.76
N LEU A 1109 25.07 -18.14 -8.19
CA LEU A 1109 26.15 -17.17 -8.18
C LEU A 1109 26.42 -16.68 -9.61
N LEU A 1110 26.41 -15.37 -9.78
CA LEU A 1110 26.79 -14.73 -11.04
C LEU A 1110 28.15 -14.07 -10.82
N LEU A 1111 29.21 -14.71 -11.28
CA LEU A 1111 30.55 -14.18 -11.14
C LEU A 1111 30.93 -13.45 -12.43
N ASP A 1112 31.45 -12.23 -12.28
CA ASP A 1112 31.92 -11.48 -13.44
C ASP A 1112 33.16 -12.17 -13.99
N LEU A 1113 33.09 -12.57 -15.27
CA LEU A 1113 34.15 -13.35 -15.87
C LEU A 1113 35.43 -12.55 -16.13
N SER A 1114 35.39 -11.23 -15.93
CA SER A 1114 36.53 -10.38 -16.24
C SER A 1114 37.76 -10.75 -15.42
N THR A 1115 37.75 -10.46 -14.11
CA THR A 1115 38.78 -11.02 -13.24
C THR A 1115 38.20 -11.82 -12.08
N ARG A 1116 37.46 -11.18 -11.16
CA ARG A 1116 36.98 -11.87 -9.96
C ARG A 1116 35.58 -11.50 -9.51
N ARG A 1117 35.03 -10.35 -9.93
CA ARG A 1117 33.93 -9.70 -9.25
C ARG A 1117 32.68 -10.57 -9.15
N LEU A 1118 32.02 -10.51 -7.99
CA LEU A 1118 30.75 -11.19 -7.77
C LEU A 1118 29.65 -10.21 -8.17
N ILE A 1119 28.92 -10.54 -9.24
CA ILE A 1119 27.89 -9.63 -9.73
C ILE A 1119 26.69 -9.61 -8.80
N ARG A 1120 26.18 -10.78 -8.43
CA ARG A 1120 24.99 -10.89 -7.58
C ARG A 1120 24.86 -12.32 -7.10
N VAL A 1121 24.06 -12.49 -6.04
CA VAL A 1121 23.68 -13.79 -5.51
C VAL A 1121 22.16 -13.84 -5.48
N ILE A 1122 21.59 -14.93 -6.01
CA ILE A 1122 20.15 -15.07 -6.16
C ILE A 1122 19.68 -16.22 -5.28
N TYR A 1123 18.62 -15.98 -4.52
CA TYR A 1123 18.08 -17.00 -3.62
C TYR A 1123 16.61 -16.66 -3.34
N ASN A 1124 16.04 -17.34 -2.35
CA ASN A 1124 14.62 -17.25 -1.99
C ASN A 1124 13.70 -17.68 -3.13
N PHE A 1125 14.20 -18.59 -3.98
CA PHE A 1125 13.37 -19.17 -5.04
C PHE A 1125 13.47 -20.69 -5.14
N CYS A 1126 14.54 -21.31 -4.63
CA CYS A 1126 14.69 -22.76 -4.66
C CYS A 1126 15.49 -23.19 -3.44
N ASN A 1127 15.39 -24.47 -3.10
CA ASN A 1127 16.08 -25.02 -1.96
C ASN A 1127 17.34 -25.80 -2.32
N SER A 1128 17.41 -26.36 -3.52
CA SER A 1128 18.60 -27.09 -3.94
C SER A 1128 18.66 -27.11 -5.46
N VAL A 1129 19.56 -26.32 -6.03
CA VAL A 1129 19.74 -26.30 -7.49
C VAL A 1129 20.52 -27.54 -7.91
N ARG A 1130 19.99 -28.25 -8.92
CA ARG A 1130 20.56 -29.52 -9.34
C ARG A 1130 21.13 -29.47 -10.75
N VAL A 1131 20.34 -29.06 -11.75
CA VAL A 1131 20.75 -29.11 -13.15
C VAL A 1131 20.60 -27.72 -13.74
N MET A 1132 21.62 -27.26 -14.46
CA MET A 1132 21.63 -25.95 -15.09
C MET A 1132 22.17 -26.08 -16.50
N MET A 1133 21.46 -25.50 -17.47
CA MET A 1133 21.93 -25.53 -18.85
C MET A 1133 21.29 -24.40 -19.65
N THR A 1134 21.90 -24.10 -20.79
CA THR A 1134 21.44 -23.06 -21.71
C THR A 1134 20.64 -23.69 -22.83
N ALA A 1135 19.46 -23.14 -23.11
CA ALA A 1135 18.57 -23.64 -24.14
C ALA A 1135 18.13 -22.51 -25.05
N GLN A 1136 17.38 -22.86 -26.09
CA GLN A 1136 16.76 -21.89 -26.99
C GLN A 1136 15.36 -22.39 -27.29
N LEU A 1137 14.36 -21.50 -27.19
CA LEU A 1137 12.97 -21.91 -27.31
C LEU A 1137 12.23 -20.99 -28.26
N GLY A 1138 11.73 -21.56 -29.36
CA GLY A 1138 10.81 -20.87 -30.26
C GLY A 1138 11.33 -19.56 -30.83
N SER A 1139 12.56 -19.57 -31.32
CA SER A 1139 13.27 -18.40 -31.85
C SER A 1139 13.52 -17.33 -30.78
N LEU A 1140 13.21 -17.62 -29.52
CA LEU A 1140 13.49 -16.76 -28.38
C LEU A 1140 14.56 -17.50 -27.57
N LYS A 1141 15.82 -17.25 -27.93
CA LYS A 1141 16.95 -17.92 -27.30
C LYS A 1141 17.24 -17.26 -25.96
N ASN A 1142 18.42 -17.57 -25.40
CA ASN A 1142 18.92 -16.96 -24.17
C ASN A 1142 18.01 -17.29 -22.98
N VAL A 1143 17.88 -18.59 -22.69
CA VAL A 1143 17.17 -19.06 -21.51
C VAL A 1143 18.05 -20.08 -20.78
N MET A 1144 18.17 -19.91 -19.46
CA MET A 1144 18.97 -20.78 -18.60
C MET A 1144 18.02 -21.60 -17.73
N LEU A 1145 17.74 -22.82 -18.15
CA LEU A 1145 16.80 -23.69 -17.44
C LEU A 1145 17.40 -24.13 -16.10
N VAL A 1146 16.81 -23.66 -15.01
CA VAL A 1146 17.26 -23.98 -13.66
C VAL A 1146 16.24 -24.91 -13.02
N LEU A 1147 16.67 -26.11 -12.66
CA LEU A 1147 15.79 -27.12 -12.06
C LEU A 1147 16.22 -27.37 -10.62
N GLY A 1148 15.33 -27.06 -9.68
CA GLY A 1148 15.60 -27.29 -8.28
C GLY A 1148 14.37 -27.81 -7.57
N TYR A 1149 14.59 -28.42 -6.42
CA TYR A 1149 13.51 -28.97 -5.60
C TYR A 1149 13.13 -27.96 -4.53
N ASN A 1150 11.86 -27.56 -4.52
CA ASN A 1150 11.33 -26.68 -3.47
C ASN A 1150 10.80 -27.58 -2.36
N ARG A 1151 11.70 -27.95 -1.44
CA ARG A 1151 11.34 -28.83 -0.34
C ARG A 1151 10.76 -28.04 0.83
N GLU A 1162 7.73 -34.49 1.11
CA GLU A 1162 7.13 -33.56 0.15
C GLU A 1162 8.21 -32.78 -0.60
N ILE A 1163 8.56 -33.27 -1.78
CA ILE A 1163 9.58 -32.64 -2.63
C ILE A 1163 8.89 -32.12 -3.88
N GLN A 1164 8.90 -30.80 -4.06
CA GLN A 1164 8.32 -30.15 -5.23
C GLN A 1164 9.46 -29.65 -6.12
N SER A 1165 9.73 -30.40 -7.18
CA SER A 1165 10.82 -30.04 -8.10
C SER A 1165 10.34 -28.94 -9.04
N CYS A 1166 10.95 -27.76 -8.95
CA CYS A 1166 10.55 -26.59 -9.71
C CYS A 1166 11.53 -26.37 -10.86
N LEU A 1167 10.99 -26.22 -12.07
CA LEU A 1167 11.79 -25.94 -13.26
C LEU A 1167 11.53 -24.48 -13.64
N THR A 1168 12.38 -23.60 -13.15
CA THR A 1168 12.28 -22.18 -13.46
C THR A 1168 13.18 -21.85 -14.64
N VAL A 1169 12.72 -20.92 -15.48
CA VAL A 1169 13.39 -20.56 -16.72
C VAL A 1169 13.82 -19.10 -16.62
N TRP A 1170 15.12 -18.85 -16.70
CA TRP A 1170 15.68 -17.52 -16.61
C TRP A 1170 16.06 -17.03 -18.01
N ASP A 1171 16.74 -15.88 -18.06
CA ASP A 1171 17.34 -15.38 -19.28
C ASP A 1171 18.84 -15.22 -19.07
N ILE A 1172 19.65 -15.59 -20.07
CA ILE A 1172 21.09 -15.42 -19.94
C ILE A 1172 21.48 -13.96 -20.10
N ASN A 1173 20.53 -13.09 -20.45
CA ASN A 1173 20.73 -11.66 -20.43
C ASN A 1173 20.74 -11.09 -19.01
N LEU A 1174 20.46 -11.92 -18.00
CA LEU A 1174 20.42 -11.46 -16.62
C LEU A 1174 21.72 -10.80 -16.14
N PRO A 1175 22.93 -11.33 -16.40
CA PRO A 1175 24.13 -10.62 -15.92
C PRO A 1175 24.25 -9.19 -16.42
N HIS A 1176 23.69 -8.87 -17.58
CA HIS A 1176 23.65 -7.49 -18.04
C HIS A 1176 22.53 -6.71 -17.38
N GLU A 1177 21.38 -7.36 -17.11
CA GLU A 1177 20.25 -6.66 -16.51
C GLU A 1177 20.54 -6.22 -15.09
N VAL A 1178 21.23 -7.05 -14.31
CA VAL A 1178 21.52 -6.71 -12.92
C VAL A 1178 22.43 -5.49 -12.84
N GLN A 1179 23.39 -5.39 -13.75
CA GLN A 1179 24.27 -4.23 -13.79
C GLN A 1179 23.58 -3.01 -14.39
N ASN A 1180 22.74 -3.23 -15.41
CA ASN A 1180 22.04 -2.11 -16.05
C ASN A 1180 21.05 -1.45 -15.09
N LEU A 1181 20.36 -2.25 -14.28
CA LEU A 1181 19.34 -1.70 -13.39
C LEU A 1181 19.96 -0.84 -12.30
N GLU A 1182 21.04 -1.32 -11.67
CA GLU A 1182 21.62 -0.58 -10.55
C GLU A 1182 22.22 0.75 -11.00
N LYS A 1183 22.79 0.79 -12.21
CA LYS A 1183 23.22 2.07 -12.76
C LYS A 1183 22.03 2.97 -13.05
N HIS A 1184 20.94 2.40 -13.55
CA HIS A 1184 19.73 3.17 -13.82
C HIS A 1184 19.13 3.73 -12.53
N ILE A 1185 19.12 2.93 -11.46
CA ILE A 1185 18.62 3.40 -10.18
C ILE A 1185 19.53 4.49 -9.62
N GLU A 1186 20.85 4.34 -9.78
CA GLU A 1186 21.79 5.29 -9.23
C GLU A 1186 21.67 6.65 -9.89
N VAL A 1187 21.39 6.68 -11.19
CA VAL A 1187 21.18 7.96 -11.89
C VAL A 1187 19.95 8.67 -11.33
N ARG A 1188 18.85 7.94 -11.18
CA ARG A 1188 17.62 8.55 -10.69
C ARG A 1188 17.71 8.93 -9.22
N LYS A 1189 18.69 8.40 -8.49
CA LYS A 1189 18.93 8.86 -7.13
C LYS A 1189 19.57 10.24 -7.14
N GLU A 1190 20.46 10.50 -8.11
CA GLU A 1190 21.09 11.80 -8.22
C GLU A 1190 20.09 12.86 -8.65
N LEU A 1191 19.22 12.54 -9.61
CA LEU A 1191 18.20 13.49 -10.05
C LEU A 1191 17.24 13.83 -8.93
N ALA A 1192 16.85 12.83 -8.12
CA ALA A 1192 15.94 13.07 -7.01
C ALA A 1192 16.55 14.01 -5.99
N GLU A 1193 17.85 13.87 -5.73
CA GLU A 1193 18.52 14.73 -4.76
C GLU A 1193 18.76 16.13 -5.32
N LYS A 1194 19.12 16.22 -6.61
CA LYS A 1194 19.37 17.52 -7.21
C LYS A 1194 18.10 18.38 -7.23
N MET A 1195 16.97 17.78 -7.61
CA MET A 1195 15.72 18.53 -7.68
C MET A 1195 15.27 19.00 -6.30
N ARG A 1196 15.39 18.13 -5.29
CA ARG A 1196 14.97 18.51 -3.95
C ARG A 1196 15.88 19.58 -3.37
N ARG A 1197 17.20 19.45 -3.57
CA ARG A 1197 18.16 20.37 -2.98
C ARG A 1197 18.01 21.78 -3.54
N THR A 1198 17.81 21.90 -4.86
CA THR A 1198 17.70 23.24 -5.45
C THR A 1198 16.41 23.93 -5.05
N SER A 1199 15.36 23.18 -4.75
CA SER A 1199 14.10 23.78 -4.31
C SER A 1199 14.22 24.31 -2.89
N VAL A 1200 14.80 23.51 -1.98
CA VAL A 1200 14.91 23.91 -0.59
C VAL A 1200 15.92 25.05 -0.40
N GLU A 1201 16.87 25.21 -1.32
CA GLU A 1201 17.86 26.25 -1.22
C GLU A 1201 17.26 27.62 -1.53
PB GDP B . -22.83 15.24 35.33
O1B GDP B . -21.39 14.79 35.42
O2B GDP B . -22.88 16.59 34.65
O3B GDP B . -23.63 14.25 34.53
O3A GDP B . -23.44 15.36 36.82
PA GDP B . -24.96 15.84 37.03
O1A GDP B . -25.93 14.74 36.67
O2A GDP B . -25.23 17.09 36.23
O5' GDP B . -25.05 16.16 38.60
C5' GDP B . -26.24 16.75 39.12
C4' GDP B . -25.98 17.35 40.49
O4' GDP B . -26.99 18.33 40.76
C3' GDP B . -26.08 16.32 41.59
O3' GDP B . -24.77 16.06 42.14
C2' GDP B . -26.97 16.92 42.66
O2' GDP B . -26.25 17.07 43.88
C1' GDP B . -27.40 18.29 42.12
N9 GDP B . -28.86 18.46 42.26
C8 GDP B . -29.52 18.50 43.43
N7 GDP B . -30.86 18.67 43.24
C5 GDP B . -31.07 18.73 41.92
C6 GDP B . -32.25 18.89 41.04
O6 GDP B . -33.40 19.02 41.52
N1 GDP B . -32.06 18.90 39.72
C2 GDP B . -30.84 18.78 39.17
N2 GDP B . -30.74 18.80 37.82
N3 GDP B . -29.72 18.62 39.92
C4 GDP B . -29.76 18.59 41.27
C4 4K4 C . -1.34 16.04 -20.79
C5 4K4 C . -0.40 16.73 -19.98
C6 4K4 C . 0.92 16.83 -20.52
N1 4K4 C . 1.22 16.28 -21.68
N3 4K4 C . -0.97 15.50 -21.97
CAU 4K4 C . -5.18 16.23 -32.18
CAS 4K4 C . -5.66 17.68 -32.47
NBL 4K4 C . -7.14 17.74 -32.34
CAB 4K4 C . -7.86 17.02 -33.43
CAT 4K4 C . -7.60 17.30 -31.00
CAV 4K4 C . -7.13 15.86 -30.73
NBN 4K4 C . -5.65 15.80 -30.82
CBK 4K4 C . -5.01 14.62 -30.17
CAP 4K4 C . -4.46 15.05 -28.78
CAR 4K4 C . -2.93 15.02 -28.76
CAO 4K4 C . -4.01 13.85 -31.09
CAQ 4K4 C . -2.89 13.11 -30.36
NBM 4K4 C . -2.45 13.70 -29.11
CBA 4K4 C . -1.57 13.05 -28.28
OAE 4K4 C . -1.16 11.90 -28.64
CBB 4K4 C . -1.04 13.53 -27.05
CAN 4K4 C . 0.09 14.34 -27.06
CBE 4K4 C . 0.63 14.84 -25.86
OAZ 4K4 C . 1.73 15.65 -25.80
CAA 4K4 C . 2.46 15.91 -27.02
CAI 4K4 C . -1.62 13.23 -25.79
CAJ 4K4 C . -1.08 13.72 -24.60
CBC 4K4 C . 0.06 14.54 -24.63
NAY 4K4 C . 0.70 15.11 -23.56
C2 4K4 C . 0.30 15.63 -22.40
NBP 4K4 C . -2.64 15.89 -20.40
CAD 4K4 C . -3.59 15.81 -21.48
CBH 4K4 C . -2.90 15.19 -19.22
CAL 4K4 C . -3.67 14.01 -19.28
CAH 4K4 C . -3.94 13.29 -18.12
CAG 4K4 C . -3.45 13.72 -16.88
CAK 4K4 C . -2.69 14.88 -16.80
CBG 4K4 C . -2.41 15.62 -17.96
CBF 4K4 C . -1.60 16.83 -17.80
OAF 4K4 C . -1.76 17.45 -16.72
NBO 4K4 C . -0.67 17.36 -18.72
CAC 4K4 C . 0.03 18.57 -18.38
#